data_6R0X
#
_entry.id   6R0X
#
_cell.length_a   183.800
_cell.length_b   72.340
_cell.length_c   131.042
_cell.angle_alpha   90.000
_cell.angle_beta   124.520
_cell.angle_gamma   90.000
#
_symmetry.space_group_name_H-M   'C 1 2 1'
#
loop_
_entity.id
_entity.type
_entity.pdbx_description
1 polymer 'antibody fab fragment heavy chain'
2 polymer 'antibody fab fragment light chain'
3 polymer 'Megakaryocyte and platelet inhibitory receptor G6b'
4 branched 'beta-D-galactopyranose-(1-3)-[N-acetyl-alpha-neuraminic acid-(2-6)]2-acetamido-2-deoxy-alpha-D-galactopyranose'
5 branched '2-O-sulfo-alpha-L-idopyranuronic acid-(1-4)-2-deoxy-6-O-sulfo-2-(sulfoamino)-alpha-D-glucopyranose-(1-4)-2-O-sulfo-alpha-L-idopyranuronic acid-(1-4)-2-deoxy-6-O-sulfo-2-(sulfoamino)-alpha-D-glucopyranose-(1-4)-2-O-sulfo-alpha-L-idopyranuronic acid-(1-4)-2-deoxy-6-O-sulfo-2-(sulfoamino)-alpha-D-glucopyranose-(1-4)-2-O-sulfo-alpha-L-idopyranuronic acid-(1-4)-2-deoxy-6-O-sulfo-2-(sulfoamino)-alpha-D-glucopyranose'
#
loop_
_entity_poly.entity_id
_entity_poly.type
_entity_poly.pdbx_seq_one_letter_code
_entity_poly.pdbx_strand_id
1 'polypeptide(L)'
;MKCSWVIFFLMAVVTGVNSEVQLQQSGAELVKPGASVKLSCTASGFNIKETYIHWVKQRPEQGLEWIGRIDPADVYGRYD
PKFQGKATITADTSSNSAYLQVSSLTSEDTAVYYCARSYGSSYGIDYWGQGTSVTVSSAKTTPPSVYPLAPGSAAQTNSM
VTLGCLVKGYFPEPVTVTWNSGSLSSGVHTFPAVLQSDLYTLSSSVTVPSSTWPSETVTCNVAHPASSTKVDKKIVPRDC
;
A,C
2 'polypeptide(L)'
;MMSSAQFLGLLLLCFQGTRCDIQMTQTTSSLSASLGDRVTISCRASQDISNYLNWYQQKPDGTVKLLIYYTSTLHSGVPS
RFSGSGSGTDYSLTISNLEQEDVATYFCQQGYTLPWTFGGGTKLEIKRADAAPTVSIFPPSSEQLTSGGASVVCFLNNFY
PKDVNVKWKIDGSERQSGVLNSWTDQDSKDSTYSMSSTLTLTKDEYERHNSYTCEATHKTSTSPIVTSFNRNEC
;
B,D
3 'polypeptide(L)'
;NPGASLDGRPGDRVDLSCGGVSHPIRWVWAPSFPACKGLSKGRRPILWAAAAGAPTVPPLQPFVGRLRSLDSGIRRLELL
LSAGDSGTFFCKGRHEDESRTVLHVLGDRTYCKAPG
;
E,F
#
loop_
_chem_comp.id
_chem_comp.type
_chem_comp.name
_chem_comp.formula
A2G D-saccharide, alpha linking 2-acetamido-2-deoxy-alpha-D-galactopyranose 'C8 H15 N O6'
GAL D-saccharide, beta linking beta-D-galactopyranose 'C6 H12 O6'
IDS L-saccharide, alpha linking '2-O-sulfo-alpha-L-idopyranuronic acid' 'C6 H10 O10 S'
SGN D-saccharide, alpha linking 2-deoxy-6-O-sulfo-2-(sulfoamino)-alpha-D-glucopyranose 'C6 H13 N O11 S2'
SIA D-saccharide, alpha linking 'N-acetyl-alpha-neuraminic acid' 'C11 H19 N O9'
#
# COMPACT_ATOMS: atom_id res chain seq x y z
N GLU A 20 -3.86 -42.87 23.43
CA GLU A 20 -2.99 -44.04 23.15
C GLU A 20 -2.27 -43.94 21.78
N VAL A 21 -2.42 -42.79 21.08
CA VAL A 21 -1.82 -42.44 19.78
C VAL A 21 -1.75 -43.60 18.79
N GLN A 22 -2.89 -43.96 18.23
CA GLN A 22 -2.95 -45.01 17.23
C GLN A 22 -3.67 -44.44 16.00
N LEU A 23 -3.13 -44.72 14.81
CA LEU A 23 -3.72 -44.30 13.54
C LEU A 23 -4.13 -45.53 12.72
N GLN A 24 -5.41 -45.87 12.81
CA GLN A 24 -6.11 -47.01 12.21
C GLN A 24 -6.35 -46.85 10.70
N GLN A 25 -5.47 -47.44 9.88
CA GLN A 25 -5.57 -47.36 8.43
C GLN A 25 -6.51 -48.43 7.92
N SER A 26 -7.25 -48.12 6.84
CA SER A 26 -8.19 -49.07 6.21
C SER A 26 -7.46 -50.22 5.45
N GLY A 27 -8.14 -51.35 5.26
CA GLY A 27 -7.59 -52.51 4.55
C GLY A 27 -7.27 -52.24 3.09
N ALA A 28 -6.30 -52.99 2.53
CA ALA A 28 -5.84 -52.84 1.14
C ALA A 28 -6.98 -52.98 0.10
N GLU A 29 -6.96 -52.16 -0.96
CA GLU A 29 -7.99 -52.17 -2.01
C GLU A 29 -7.45 -52.47 -3.40
N LEU A 30 -8.22 -53.21 -4.19
CA LEU A 30 -7.93 -53.56 -5.58
C LEU A 30 -8.93 -52.76 -6.38
N VAL A 31 -8.45 -51.85 -7.23
CA VAL A 31 -9.29 -50.97 -8.02
C VAL A 31 -9.02 -51.05 -9.52
N LYS A 32 -10.11 -50.93 -10.30
CA LYS A 32 -10.07 -50.93 -11.75
C LYS A 32 -9.48 -49.58 -12.21
N PRO A 33 -8.67 -49.54 -13.29
CA PRO A 33 -8.09 -48.25 -13.73
C PRO A 33 -9.13 -47.27 -14.25
N GLY A 34 -8.96 -46.00 -13.91
CA GLY A 34 -9.86 -44.92 -14.28
C GLY A 34 -10.83 -44.55 -13.16
N ALA A 35 -11.13 -45.52 -12.29
CA ALA A 35 -12.05 -45.38 -11.15
C ALA A 35 -11.45 -44.54 -10.02
N SER A 36 -12.26 -44.31 -8.96
CA SER A 36 -11.86 -43.55 -7.77
C SER A 36 -11.91 -44.39 -6.49
N VAL A 37 -10.96 -44.15 -5.59
CA VAL A 37 -10.86 -44.81 -4.28
C VAL A 37 -10.82 -43.78 -3.16
N LYS A 38 -11.56 -44.03 -2.07
CA LYS A 38 -11.58 -43.18 -0.89
C LYS A 38 -11.06 -44.03 0.25
N LEU A 39 -9.83 -43.77 0.66
CA LEU A 39 -9.16 -44.49 1.73
C LEU A 39 -9.49 -43.83 3.07
N SER A 40 -9.42 -44.62 4.13
CA SER A 40 -9.77 -44.20 5.48
C SER A 40 -8.54 -44.22 6.40
N CYS A 41 -8.67 -43.54 7.54
CA CYS A 41 -7.67 -43.39 8.58
C CYS A 41 -8.40 -42.89 9.81
N THR A 42 -8.46 -43.71 10.88
CA THR A 42 -9.18 -43.40 12.12
C THR A 42 -8.22 -43.11 13.26
N ALA A 43 -8.56 -42.13 14.10
CA ALA A 43 -7.72 -41.72 15.23
C ALA A 43 -8.09 -42.36 16.55
N SER A 44 -7.11 -43.02 17.18
CA SER A 44 -7.30 -43.69 18.47
C SER A 44 -6.69 -42.89 19.59
N GLY A 45 -7.51 -42.63 20.61
CA GLY A 45 -7.13 -41.90 21.81
C GLY A 45 -7.18 -40.41 21.63
N PHE A 46 -6.27 -39.86 20.79
CA PHE A 46 -6.17 -38.42 20.54
C PHE A 46 -7.31 -37.86 19.66
N ASN A 47 -7.60 -36.54 19.82
CA ASN A 47 -8.62 -35.84 19.02
C ASN A 47 -7.95 -35.28 17.78
N ILE A 48 -8.43 -35.63 16.55
CA ILE A 48 -7.81 -35.16 15.31
C ILE A 48 -7.81 -33.64 15.20
N LYS A 49 -8.75 -32.97 15.91
CA LYS A 49 -8.83 -31.51 15.94
C LYS A 49 -7.50 -30.90 16.39
N GLU A 50 -6.67 -31.68 17.14
CA GLU A 50 -5.40 -31.27 17.71
C GLU A 50 -4.16 -31.46 16.79
N THR A 51 -4.30 -32.02 15.58
CA THR A 51 -3.14 -32.17 14.68
C THR A 51 -3.50 -31.98 13.23
N TYR A 52 -2.49 -31.86 12.38
CA TYR A 52 -2.66 -31.79 10.93
C TYR A 52 -2.55 -33.21 10.43
N ILE A 53 -3.34 -33.59 9.40
CA ILE A 53 -3.30 -34.94 8.83
C ILE A 53 -2.55 -34.87 7.53
N HIS A 54 -1.58 -35.77 7.35
CA HIS A 54 -0.75 -35.80 6.14
C HIS A 54 -0.80 -37.17 5.52
N TRP A 55 -0.87 -37.22 4.19
CA TRP A 55 -0.90 -38.47 3.45
C TRP A 55 0.30 -38.60 2.55
N VAL A 56 0.81 -39.81 2.42
CA VAL A 56 2.03 -40.08 1.69
C VAL A 56 1.87 -41.25 0.76
N LYS A 57 2.40 -41.12 -0.48
CA LYS A 57 2.38 -42.17 -1.50
C LYS A 57 3.73 -42.90 -1.42
N GLN A 58 3.75 -44.19 -1.74
CA GLN A 58 4.98 -44.96 -1.85
C GLN A 58 4.90 -46.03 -2.92
N ARG A 59 5.42 -45.66 -4.11
CA ARG A 59 5.43 -46.54 -5.27
C ARG A 59 6.23 -47.81 -4.95
N PRO A 60 5.82 -49.00 -5.46
CA PRO A 60 6.53 -50.24 -5.10
C PRO A 60 8.03 -50.17 -5.36
N GLU A 61 8.81 -50.36 -4.26
CA GLU A 61 10.28 -50.34 -4.22
C GLU A 61 10.81 -49.01 -4.78
N GLN A 62 10.35 -47.90 -4.15
CA GLN A 62 10.65 -46.51 -4.53
C GLN A 62 10.58 -45.58 -3.31
N GLY A 63 10.88 -44.29 -3.53
CA GLY A 63 10.84 -43.26 -2.50
C GLY A 63 9.45 -42.85 -2.05
N LEU A 64 9.37 -42.01 -0.99
CA LEU A 64 8.13 -41.47 -0.42
C LEU A 64 7.76 -40.18 -1.15
N GLU A 65 6.46 -39.95 -1.39
CA GLU A 65 5.90 -38.77 -2.08
C GLU A 65 4.81 -38.11 -1.23
N TRP A 66 5.07 -36.93 -0.65
CA TRP A 66 4.05 -36.22 0.14
C TRP A 66 2.90 -35.83 -0.78
N ILE A 67 1.67 -36.37 -0.50
CA ILE A 67 0.44 -36.13 -1.25
C ILE A 67 -0.15 -34.78 -0.86
N GLY A 68 -0.25 -34.54 0.44
CA GLY A 68 -0.83 -33.32 0.99
C GLY A 68 -1.27 -33.43 2.44
N ARG A 69 -1.65 -32.30 3.03
CA ARG A 69 -2.06 -32.24 4.42
C ARG A 69 -3.43 -31.62 4.62
N ILE A 70 -3.91 -31.52 5.87
CA ILE A 70 -5.19 -30.88 6.20
C ILE A 70 -5.28 -30.44 7.66
N ASP A 71 -5.85 -29.25 7.88
CA ASP A 71 -6.23 -28.84 9.21
C ASP A 71 -7.68 -29.41 9.34
N PRO A 72 -7.94 -30.41 10.18
CA PRO A 72 -9.30 -30.96 10.28
C PRO A 72 -10.39 -29.94 10.60
N ALA A 73 -10.01 -28.77 11.14
CA ALA A 73 -10.96 -27.70 11.44
C ALA A 73 -11.47 -27.04 10.15
N ASP A 74 -10.76 -27.24 9.01
CA ASP A 74 -11.17 -26.71 7.70
C ASP A 74 -11.49 -27.80 6.70
N VAL A 75 -12.27 -27.44 5.65
CA VAL A 75 -12.78 -28.30 4.54
C VAL A 75 -11.75 -28.53 3.43
N TYR A 76 -11.01 -27.46 3.12
CA TYR A 76 -10.00 -27.31 2.09
C TYR A 76 -8.59 -27.76 2.51
N GLY A 77 -8.17 -28.92 2.02
CA GLY A 77 -6.83 -29.42 2.25
C GLY A 77 -5.86 -28.81 1.26
N ARG A 78 -4.58 -28.68 1.63
CA ARG A 78 -3.59 -28.13 0.70
C ARG A 78 -2.65 -29.26 0.26
N TYR A 79 -2.54 -29.51 -1.07
CA TYR A 79 -1.76 -30.62 -1.62
C TYR A 79 -0.67 -30.21 -2.61
N ASP A 80 0.26 -31.13 -2.90
CA ASP A 80 1.35 -30.98 -3.85
C ASP A 80 0.77 -30.80 -5.29
N PRO A 81 1.37 -29.96 -6.17
CA PRO A 81 0.82 -29.81 -7.54
C PRO A 81 0.90 -31.07 -8.40
N LYS A 82 1.74 -32.04 -8.02
CA LYS A 82 1.89 -33.30 -8.75
C LYS A 82 0.57 -34.10 -8.71
N PHE A 83 -0.14 -34.02 -7.58
CA PHE A 83 -1.42 -34.67 -7.38
C PHE A 83 -2.51 -33.65 -7.77
N GLN A 84 -2.45 -33.22 -9.06
CA GLN A 84 -3.29 -32.19 -9.72
C GLN A 84 -4.80 -32.49 -9.69
N GLY A 85 -5.47 -32.02 -8.62
CA GLY A 85 -6.91 -32.21 -8.41
C GLY A 85 -7.40 -33.66 -8.33
N LYS A 86 -6.49 -34.63 -8.42
CA LYS A 86 -6.86 -36.04 -8.33
C LYS A 86 -7.17 -36.35 -6.87
N ALA A 87 -6.16 -36.10 -6.00
CA ALA A 87 -6.25 -36.36 -4.56
C ALA A 87 -6.88 -35.22 -3.77
N THR A 88 -7.99 -35.53 -3.07
CA THR A 88 -8.74 -34.59 -2.23
C THR A 88 -8.97 -35.13 -0.81
N ILE A 89 -8.02 -34.80 0.10
CA ILE A 89 -8.07 -35.18 1.53
C ILE A 89 -9.22 -34.41 2.18
N THR A 90 -10.08 -35.10 2.91
CA THR A 90 -11.22 -34.54 3.61
C THR A 90 -11.38 -35.31 4.90
N ALA A 91 -11.29 -34.61 6.04
CA ALA A 91 -11.38 -35.27 7.34
C ALA A 91 -12.71 -35.01 7.98
N ASP A 92 -13.20 -36.01 8.75
CA ASP A 92 -14.44 -35.95 9.52
C ASP A 92 -14.09 -35.98 11.01
N THR A 93 -14.25 -34.83 11.66
CA THR A 93 -13.96 -34.57 13.08
C THR A 93 -14.88 -35.35 13.99
N SER A 94 -16.19 -35.40 13.62
CA SER A 94 -17.27 -36.07 14.33
C SER A 94 -16.93 -37.55 14.56
N SER A 95 -16.40 -38.21 13.52
CA SER A 95 -16.01 -39.62 13.55
C SER A 95 -14.53 -39.77 13.92
N ASN A 96 -13.82 -38.64 14.13
CA ASN A 96 -12.39 -38.57 14.50
C ASN A 96 -11.53 -39.39 13.51
N SER A 97 -11.74 -39.12 12.21
CA SER A 97 -11.08 -39.85 11.13
C SER A 97 -10.92 -39.02 9.86
N ALA A 98 -9.80 -39.22 9.14
CA ALA A 98 -9.49 -38.53 7.87
C ALA A 98 -9.61 -39.48 6.68
N TYR A 99 -9.82 -38.92 5.47
CA TYR A 99 -10.00 -39.72 4.26
C TYR A 99 -9.23 -39.16 3.08
N LEU A 100 -8.64 -40.05 2.26
CA LEU A 100 -7.95 -39.64 1.04
C LEU A 100 -8.71 -40.20 -0.15
N GLN A 101 -9.29 -39.30 -0.97
CA GLN A 101 -10.05 -39.69 -2.15
C GLN A 101 -9.15 -39.43 -3.36
N VAL A 102 -8.68 -40.48 -4.04
CA VAL A 102 -7.86 -40.28 -5.23
C VAL A 102 -8.60 -40.83 -6.48
N SER A 103 -8.98 -39.91 -7.38
CA SER A 103 -9.75 -40.14 -8.61
C SER A 103 -8.87 -40.38 -9.83
N SER A 104 -9.49 -40.83 -10.95
CA SER A 104 -8.88 -41.19 -12.24
C SER A 104 -7.55 -41.92 -12.07
N LEU A 105 -7.64 -43.16 -11.62
CA LEU A 105 -6.49 -43.98 -11.31
C LEU A 105 -5.79 -44.56 -12.53
N THR A 106 -4.47 -44.82 -12.40
CA THR A 106 -3.55 -45.37 -13.40
C THR A 106 -2.60 -46.37 -12.70
N SER A 107 -1.79 -47.12 -13.47
CA SER A 107 -0.78 -48.06 -12.95
C SER A 107 0.31 -47.29 -12.15
N GLU A 108 0.45 -45.98 -12.47
CA GLU A 108 1.36 -45.03 -11.82
C GLU A 108 0.82 -44.67 -10.42
N ASP A 109 -0.37 -45.20 -10.07
CA ASP A 109 -1.01 -44.99 -8.77
C ASP A 109 -0.97 -46.23 -7.87
N THR A 110 -0.58 -47.41 -8.41
CA THR A 110 -0.43 -48.66 -7.65
C THR A 110 0.71 -48.45 -6.63
N ALA A 111 0.34 -48.12 -5.37
CA ALA A 111 1.29 -47.81 -4.30
C ALA A 111 0.68 -48.09 -2.91
N VAL A 112 1.42 -47.74 -1.82
CA VAL A 112 0.98 -47.84 -0.42
C VAL A 112 0.75 -46.40 0.04
N TYR A 113 -0.38 -46.18 0.73
CA TYR A 113 -0.75 -44.84 1.16
C TYR A 113 -0.74 -44.71 2.67
N TYR A 114 0.16 -43.86 3.18
CA TYR A 114 0.37 -43.62 4.60
C TYR A 114 -0.44 -42.45 5.08
N CYS A 115 -0.94 -42.55 6.31
CA CYS A 115 -1.68 -41.52 6.98
C CYS A 115 -0.82 -41.15 8.19
N ALA A 116 -0.53 -39.87 8.41
CA ALA A 116 0.32 -39.48 9.53
C ALA A 116 -0.10 -38.17 10.18
N ARG A 117 0.13 -38.05 11.50
CA ARG A 117 -0.21 -36.85 12.24
C ARG A 117 1.04 -35.98 12.48
N SER A 118 0.88 -34.67 12.37
CA SER A 118 1.96 -33.71 12.54
C SER A 118 1.45 -32.55 13.34
N TYR A 119 2.32 -32.00 14.17
CA TYR A 119 1.99 -30.84 14.99
C TYR A 119 2.46 -29.52 14.35
N GLY A 120 3.12 -29.61 13.19
CA GLY A 120 3.61 -28.44 12.47
C GLY A 120 5.01 -28.55 11.91
N SER A 121 5.40 -27.53 11.13
CA SER A 121 6.69 -27.38 10.43
C SER A 121 7.93 -27.80 11.24
N SER A 122 8.00 -27.36 12.50
CA SER A 122 9.11 -27.66 13.40
C SER A 122 8.95 -28.99 14.18
N TYR A 123 8.03 -29.87 13.75
CA TYR A 123 7.80 -31.13 14.45
C TYR A 123 7.80 -32.36 13.54
N GLY A 124 7.37 -32.18 12.29
CA GLY A 124 7.27 -33.23 11.29
C GLY A 124 6.15 -34.21 11.58
N ILE A 125 6.04 -35.27 10.75
CA ILE A 125 5.07 -36.34 10.86
C ILE A 125 5.64 -37.28 11.93
N ASP A 126 5.12 -37.20 13.17
CA ASP A 126 5.56 -37.95 14.36
C ASP A 126 5.01 -39.38 14.44
N TYR A 127 3.67 -39.54 14.32
CA TYR A 127 3.04 -40.85 14.31
C TYR A 127 2.64 -41.19 12.88
N TRP A 128 3.12 -42.33 12.39
CA TRP A 128 2.83 -42.80 11.05
C TRP A 128 1.92 -44.01 11.06
N GLY A 129 0.95 -44.00 10.16
CA GLY A 129 0.00 -45.09 9.94
C GLY A 129 0.68 -46.31 9.35
N GLN A 130 0.01 -47.48 9.43
CA GLN A 130 0.56 -48.74 8.93
C GLN A 130 0.69 -48.75 7.40
N GLY A 131 -0.25 -48.09 6.75
CA GLY A 131 -0.34 -47.98 5.30
C GLY A 131 -1.54 -48.75 4.80
N THR A 132 -2.06 -48.36 3.62
CA THR A 132 -3.16 -49.00 2.91
C THR A 132 -2.68 -49.23 1.50
N SER A 133 -2.61 -50.50 1.06
CA SER A 133 -2.15 -50.78 -0.30
C SER A 133 -3.26 -50.67 -1.31
N VAL A 134 -3.01 -49.93 -2.37
CA VAL A 134 -3.98 -49.76 -3.44
C VAL A 134 -3.35 -50.34 -4.68
N THR A 135 -4.04 -51.30 -5.29
CA THR A 135 -3.57 -51.92 -6.51
C THR A 135 -4.49 -51.46 -7.65
N VAL A 136 -3.92 -50.78 -8.65
CA VAL A 136 -4.69 -50.30 -9.82
C VAL A 136 -4.45 -51.26 -11.00
N SER A 137 -5.43 -52.16 -11.22
CA SER A 137 -5.38 -53.16 -12.29
C SER A 137 -6.76 -53.64 -12.69
N SER A 138 -6.91 -53.88 -13.99
CA SER A 138 -8.12 -54.40 -14.62
C SER A 138 -8.22 -55.92 -14.39
N ALA A 139 -7.17 -56.52 -13.78
CA ALA A 139 -7.07 -57.93 -13.45
C ALA A 139 -8.10 -58.34 -12.37
N LYS A 140 -8.41 -59.64 -12.26
CA LYS A 140 -9.40 -60.13 -11.32
C LYS A 140 -8.76 -60.86 -10.15
N THR A 141 -9.49 -60.92 -9.01
CA THR A 141 -9.06 -61.62 -7.79
C THR A 141 -8.92 -63.11 -8.07
N THR A 142 -7.77 -63.70 -7.73
CA THR A 142 -7.52 -65.12 -7.98
C THR A 142 -6.82 -65.80 -6.79
N PRO A 143 -7.40 -66.85 -6.20
CA PRO A 143 -6.72 -67.52 -5.06
C PRO A 143 -5.44 -68.25 -5.49
N PRO A 144 -4.46 -68.41 -4.57
CA PRO A 144 -3.22 -69.09 -4.94
C PRO A 144 -3.34 -70.59 -5.12
N SER A 145 -2.37 -71.15 -5.83
CA SER A 145 -2.24 -72.57 -6.04
C SER A 145 -0.92 -72.92 -5.39
N VAL A 146 -0.98 -73.49 -4.20
CA VAL A 146 0.22 -73.83 -3.44
C VAL A 146 0.76 -75.17 -3.93
N TYR A 147 2.07 -75.28 -4.11
CA TYR A 147 2.70 -76.52 -4.54
C TYR A 147 3.87 -76.85 -3.60
N PRO A 148 3.90 -78.06 -3.00
CA PRO A 148 5.00 -78.39 -2.07
C PRO A 148 6.30 -78.73 -2.79
N LEU A 149 7.44 -78.35 -2.20
CA LEU A 149 8.74 -78.59 -2.84
C LEU A 149 9.72 -79.38 -1.96
N ALA A 150 9.67 -80.72 -2.06
CA ALA A 150 10.55 -81.61 -1.31
C ALA A 150 11.86 -81.86 -2.08
N PRO A 151 13.01 -82.14 -1.42
CA PRO A 151 14.25 -82.39 -2.18
C PRO A 151 14.29 -83.82 -2.75
N SER A 159 24.20 -82.43 9.84
CA SER A 159 22.95 -82.79 9.19
C SER A 159 21.94 -81.62 9.18
N MET A 160 21.75 -81.02 8.00
CA MET A 160 20.85 -79.90 7.74
C MET A 160 20.23 -80.04 6.36
N VAL A 161 18.94 -79.67 6.21
CA VAL A 161 18.23 -79.79 4.94
C VAL A 161 17.34 -78.57 4.67
N THR A 162 17.25 -78.20 3.38
CA THR A 162 16.43 -77.09 2.87
C THR A 162 15.22 -77.68 2.14
N LEU A 163 14.05 -77.06 2.34
CA LEU A 163 12.80 -77.42 1.69
C LEU A 163 11.85 -76.24 1.68
N GLY A 164 11.14 -76.06 0.58
CA GLY A 164 10.23 -74.94 0.42
C GLY A 164 8.87 -75.26 -0.15
N CYS A 165 8.13 -74.20 -0.52
CA CYS A 165 6.81 -74.31 -1.11
C CYS A 165 6.55 -73.16 -2.06
N LEU A 166 5.89 -73.48 -3.17
CA LEU A 166 5.60 -72.57 -4.26
C LEU A 166 4.21 -72.01 -4.16
N VAL A 167 4.08 -70.71 -4.50
CA VAL A 167 2.80 -69.99 -4.50
C VAL A 167 2.61 -69.38 -5.88
N LYS A 168 1.88 -70.08 -6.78
CA LYS A 168 1.69 -69.65 -8.16
C LYS A 168 0.30 -69.14 -8.51
N GLY A 169 0.31 -67.98 -9.15
CA GLY A 169 -0.85 -67.30 -9.72
C GLY A 169 -1.94 -66.84 -8.78
N TYR A 170 -1.60 -65.93 -7.90
CA TYR A 170 -2.60 -65.40 -7.01
C TYR A 170 -2.76 -63.92 -7.32
N PHE A 171 -3.96 -63.36 -7.13
CA PHE A 171 -4.16 -61.94 -7.38
C PHE A 171 -5.19 -61.31 -6.44
N PRO A 172 -4.89 -60.15 -5.82
CA PRO A 172 -3.62 -59.40 -5.84
C PRO A 172 -2.76 -59.75 -4.62
N GLU A 173 -1.75 -58.94 -4.32
CA GLU A 173 -0.93 -59.14 -3.14
C GLU A 173 -1.76 -58.71 -1.90
N PRO A 174 -1.45 -59.15 -0.65
CA PRO A 174 -0.32 -59.98 -0.22
C PRO A 174 -0.71 -61.44 0.03
N VAL A 175 0.26 -62.23 0.50
CA VAL A 175 0.08 -63.61 0.95
C VAL A 175 0.92 -63.82 2.19
N THR A 176 0.25 -64.11 3.31
CA THR A 176 0.92 -64.36 4.59
C THR A 176 1.39 -65.82 4.58
N VAL A 177 2.70 -66.01 4.38
CA VAL A 177 3.29 -67.34 4.33
C VAL A 177 4.02 -67.59 5.65
N THR A 178 3.62 -68.67 6.35
CA THR A 178 4.18 -69.12 7.63
C THR A 178 4.50 -70.63 7.57
N TRP A 179 5.31 -71.15 8.52
CA TRP A 179 5.69 -72.56 8.51
C TRP A 179 5.35 -73.31 9.79
N ASN A 180 4.79 -74.53 9.65
CA ASN A 180 4.34 -75.41 10.72
C ASN A 180 3.59 -74.58 11.79
N SER A 181 2.54 -73.87 11.33
CA SER A 181 1.67 -72.95 12.07
C SER A 181 2.45 -71.83 12.77
N GLY A 182 3.45 -71.28 12.06
CA GLY A 182 4.28 -70.18 12.53
C GLY A 182 5.30 -70.47 13.63
N SER A 183 5.27 -71.69 14.21
CA SER A 183 6.18 -72.14 15.27
C SER A 183 7.63 -72.23 14.82
N LEU A 184 7.85 -72.57 13.53
CA LEU A 184 9.17 -72.72 12.91
C LEU A 184 9.65 -71.37 12.35
N SER A 185 9.95 -70.41 13.25
CA SER A 185 10.42 -69.08 12.87
C SER A 185 11.86 -69.09 12.37
N SER A 186 12.76 -69.77 13.10
CA SER A 186 14.19 -69.89 12.77
C SER A 186 14.41 -70.74 11.50
N GLY A 187 15.02 -70.13 10.48
CA GLY A 187 15.35 -70.78 9.21
C GLY A 187 14.46 -70.40 8.05
N VAL A 188 13.42 -69.59 8.32
CA VAL A 188 12.48 -69.13 7.30
C VAL A 188 13.11 -68.03 6.39
N HIS A 189 12.77 -68.10 5.09
CA HIS A 189 13.18 -67.17 4.04
C HIS A 189 11.99 -67.02 3.09
N THR A 190 11.24 -65.92 3.21
CA THR A 190 10.12 -65.65 2.31
C THR A 190 10.59 -64.63 1.30
N PHE A 191 10.61 -65.05 0.03
CA PHE A 191 11.06 -64.27 -1.13
C PHE A 191 9.88 -63.42 -1.63
N PRO A 192 10.11 -62.20 -2.17
CA PRO A 192 8.98 -61.36 -2.59
C PRO A 192 8.30 -61.80 -3.89
N ALA A 193 7.03 -61.36 -4.07
CA ALA A 193 6.16 -61.67 -5.19
C ALA A 193 6.64 -61.16 -6.54
N VAL A 194 6.46 -61.98 -7.59
CA VAL A 194 6.83 -61.65 -8.97
C VAL A 194 5.58 -61.59 -9.84
N LEU A 195 5.28 -60.41 -10.43
CA LEU A 195 4.16 -60.26 -11.34
C LEU A 195 4.54 -60.88 -12.72
N GLN A 196 3.62 -61.60 -13.36
CA GLN A 196 3.85 -62.24 -14.64
C GLN A 196 2.53 -62.52 -15.34
N SER A 197 2.17 -61.65 -16.30
CA SER A 197 0.94 -61.65 -17.11
C SER A 197 -0.31 -61.53 -16.21
N ASP A 198 -0.19 -60.64 -15.18
CA ASP A 198 -1.21 -60.35 -14.16
C ASP A 198 -1.60 -61.60 -13.33
N LEU A 199 -0.59 -62.09 -12.56
CA LEU A 199 -0.57 -63.21 -11.61
C LEU A 199 0.75 -63.09 -10.82
N TYR A 200 0.73 -63.39 -9.53
CA TYR A 200 1.96 -63.34 -8.72
C TYR A 200 2.50 -64.71 -8.37
N THR A 201 3.83 -64.76 -8.16
CA THR A 201 4.55 -65.97 -7.80
C THR A 201 5.61 -65.70 -6.73
N LEU A 202 5.48 -66.35 -5.58
CA LEU A 202 6.49 -66.31 -4.54
C LEU A 202 6.75 -67.70 -3.96
N SER A 203 8.00 -67.96 -3.63
CA SER A 203 8.43 -69.21 -3.03
C SER A 203 9.09 -68.90 -1.70
N SER A 204 8.95 -69.80 -0.74
CA SER A 204 9.57 -69.65 0.55
C SER A 204 10.37 -70.89 0.86
N SER A 205 11.48 -70.75 1.57
CA SER A 205 12.35 -71.86 1.92
C SER A 205 12.66 -71.92 3.40
N VAL A 206 12.66 -73.15 3.96
CA VAL A 206 13.02 -73.40 5.36
C VAL A 206 14.19 -74.34 5.44
N THR A 207 15.09 -74.08 6.40
CA THR A 207 16.26 -74.93 6.60
C THR A 207 16.18 -75.58 7.98
N VAL A 208 15.76 -76.85 8.00
CA VAL A 208 15.61 -77.65 9.21
C VAL A 208 16.67 -78.78 9.27
N PRO A 209 17.12 -79.21 10.48
CA PRO A 209 18.13 -80.29 10.53
C PRO A 209 17.61 -81.59 9.94
N SER A 210 18.51 -82.39 9.31
CA SER A 210 18.16 -83.66 8.67
C SER A 210 17.61 -84.72 9.64
N SER A 211 17.66 -84.43 10.96
CA SER A 211 17.13 -85.29 12.01
C SER A 211 15.62 -85.02 12.20
N THR A 212 15.21 -83.74 12.06
CA THR A 212 13.81 -83.31 12.18
C THR A 212 12.96 -83.63 10.95
N TRP A 213 13.60 -83.96 9.82
CA TRP A 213 12.87 -84.31 8.62
C TRP A 213 13.40 -85.57 7.93
N PRO A 214 12.53 -86.53 7.50
CA PRO A 214 11.05 -86.50 7.48
C PRO A 214 10.34 -86.87 8.79
N SER A 215 11.07 -86.89 9.92
CA SER A 215 10.58 -87.26 11.25
C SER A 215 9.33 -86.47 11.69
N GLU A 216 9.41 -85.13 11.65
CA GLU A 216 8.35 -84.23 12.06
C GLU A 216 7.50 -83.77 10.86
N THR A 217 6.27 -83.33 11.15
CA THR A 217 5.33 -82.77 10.16
C THR A 217 5.81 -81.36 9.81
N VAL A 218 5.83 -81.05 8.51
CA VAL A 218 6.21 -79.73 8.02
C VAL A 218 5.08 -79.25 7.10
N THR A 219 4.46 -78.13 7.48
CA THR A 219 3.32 -77.57 6.76
C THR A 219 3.56 -76.13 6.38
N CYS A 220 3.53 -75.86 5.07
CA CYS A 220 3.68 -74.54 4.47
C CYS A 220 2.30 -73.86 4.53
N ASN A 221 2.11 -72.95 5.52
CA ASN A 221 0.83 -72.25 5.70
C ASN A 221 0.77 -70.99 4.85
N VAL A 222 -0.22 -70.93 3.97
CA VAL A 222 -0.45 -69.82 3.07
C VAL A 222 -1.81 -69.22 3.39
N ALA A 223 -1.88 -67.90 3.41
CA ALA A 223 -3.11 -67.17 3.67
C ALA A 223 -3.25 -66.05 2.66
N HIS A 224 -4.37 -66.02 1.94
CA HIS A 224 -4.68 -64.99 0.97
C HIS A 224 -5.85 -64.21 1.55
N PRO A 225 -5.62 -62.98 2.08
CA PRO A 225 -6.73 -62.24 2.68
C PRO A 225 -7.74 -61.81 1.63
N ALA A 226 -7.25 -61.37 0.45
CA ALA A 226 -8.01 -60.88 -0.69
C ALA A 226 -9.08 -61.81 -1.22
N SER A 227 -8.81 -63.12 -1.25
CA SER A 227 -9.75 -64.14 -1.73
C SER A 227 -10.33 -64.98 -0.57
N SER A 228 -10.05 -64.55 0.69
CA SER A 228 -10.47 -65.20 1.94
C SER A 228 -10.15 -66.72 2.00
N THR A 229 -8.94 -67.11 1.52
CA THR A 229 -8.46 -68.49 1.55
C THR A 229 -7.28 -68.64 2.50
N LYS A 230 -7.13 -69.81 3.12
CA LYS A 230 -6.04 -70.15 4.02
C LYS A 230 -5.72 -71.62 3.74
N VAL A 231 -4.78 -71.82 2.83
CA VAL A 231 -4.32 -73.12 2.34
C VAL A 231 -3.12 -73.60 3.17
N ASP A 232 -3.06 -74.91 3.44
CA ASP A 232 -1.96 -75.49 4.21
C ASP A 232 -1.52 -76.77 3.56
N LYS A 233 -0.30 -76.80 3.00
CA LYS A 233 0.22 -77.97 2.27
C LYS A 233 1.46 -78.64 2.91
N LYS A 234 1.25 -79.86 3.47
CA LYS A 234 2.31 -80.64 4.12
C LYS A 234 3.37 -81.11 3.10
N ILE A 235 4.63 -80.63 3.26
CA ILE A 235 5.77 -81.00 2.40
C ILE A 235 6.12 -82.46 2.71
N VAL A 236 5.80 -83.37 1.77
CA VAL A 236 5.96 -84.83 1.90
C VAL A 236 7.14 -85.36 1.01
N PRO A 237 7.99 -86.33 1.49
CA PRO A 237 9.10 -86.80 0.64
C PRO A 237 8.60 -87.41 -0.66
N ARG A 238 9.10 -86.92 -1.79
CA ARG A 238 8.68 -87.37 -3.12
C ARG A 238 9.23 -88.75 -3.52
N ASP B 21 7.64 -25.77 -5.66
CA ASP B 21 8.08 -27.15 -5.52
C ASP B 21 9.62 -27.24 -5.40
N ILE B 22 10.14 -27.30 -4.15
CA ILE B 22 11.57 -27.37 -3.85
C ILE B 22 12.02 -28.82 -3.83
N GLN B 23 13.10 -29.15 -4.57
CA GLN B 23 13.65 -30.50 -4.67
C GLN B 23 14.66 -30.82 -3.56
N MET B 24 14.83 -32.12 -3.23
CA MET B 24 15.77 -32.63 -2.22
C MET B 24 16.55 -33.79 -2.82
N THR B 25 17.89 -33.73 -2.73
CA THR B 25 18.71 -34.79 -3.28
C THR B 25 19.70 -35.33 -2.27
N GLN B 26 19.68 -36.67 -2.11
CA GLN B 26 20.63 -37.39 -1.29
C GLN B 26 21.74 -37.81 -2.24
N THR B 27 22.97 -37.37 -1.93
CA THR B 27 24.19 -37.63 -2.70
C THR B 27 24.40 -39.12 -3.10
N THR B 28 23.89 -40.06 -2.25
CA THR B 28 23.98 -41.51 -2.41
C THR B 28 22.61 -42.16 -2.17
N SER B 29 22.30 -43.24 -2.92
CA SER B 29 21.02 -43.96 -2.81
C SER B 29 21.17 -45.30 -2.08
N SER B 30 22.42 -45.69 -1.79
CA SER B 30 22.79 -46.91 -1.09
C SER B 30 24.15 -46.74 -0.43
N LEU B 31 24.25 -47.13 0.84
CA LEU B 31 25.48 -47.01 1.60
C LEU B 31 25.75 -48.26 2.40
N SER B 32 26.83 -48.98 2.06
CA SER B 32 27.19 -50.18 2.80
C SER B 32 28.14 -49.79 3.92
N ALA B 33 27.87 -50.27 5.14
CA ALA B 33 28.69 -49.97 6.31
C ALA B 33 28.85 -51.15 7.28
N SER B 34 30.09 -51.34 7.81
CA SER B 34 30.42 -52.36 8.83
C SER B 34 29.66 -52.00 10.12
N LEU B 35 29.45 -53.01 11.02
CA LEU B 35 28.83 -52.83 12.33
C LEU B 35 29.73 -51.90 13.17
N GLY B 36 29.08 -51.05 13.97
CA GLY B 36 29.73 -50.11 14.87
C GLY B 36 30.53 -48.99 14.23
N ASP B 37 30.47 -48.83 12.87
CA ASP B 37 31.20 -47.75 12.18
C ASP B 37 30.38 -46.43 12.27
N ARG B 38 30.96 -45.33 11.75
CA ARG B 38 30.30 -44.03 11.66
C ARG B 38 29.91 -43.77 10.20
N VAL B 39 28.62 -43.48 9.99
CA VAL B 39 28.09 -43.19 8.66
C VAL B 39 27.27 -41.92 8.64
N THR B 40 27.22 -41.31 7.45
CA THR B 40 26.53 -40.06 7.20
C THR B 40 25.65 -40.14 5.94
N ILE B 41 24.49 -39.50 6.01
CA ILE B 41 23.53 -39.38 4.93
C ILE B 41 23.47 -37.90 4.68
N SER B 42 23.94 -37.46 3.52
CA SER B 42 23.93 -36.04 3.19
C SER B 42 22.71 -35.67 2.38
N CYS B 43 22.25 -34.42 2.53
CA CYS B 43 21.06 -33.93 1.86
C CYS B 43 21.26 -32.49 1.36
N ARG B 44 21.13 -32.28 0.04
CA ARG B 44 21.25 -30.97 -0.59
C ARG B 44 19.89 -30.43 -0.98
N ALA B 45 19.61 -29.18 -0.62
CA ALA B 45 18.33 -28.56 -0.94
C ALA B 45 18.45 -27.46 -1.98
N SER B 46 17.33 -27.19 -2.68
CA SER B 46 17.26 -26.17 -3.74
C SER B 46 17.14 -24.74 -3.21
N GLN B 47 16.66 -24.61 -1.94
CA GLN B 47 16.46 -23.34 -1.21
C GLN B 47 17.04 -23.45 0.20
N ASP B 48 17.04 -22.31 0.92
CA ASP B 48 17.46 -22.26 2.32
C ASP B 48 16.25 -22.78 3.09
N ILE B 49 16.45 -23.91 3.76
CA ILE B 49 15.48 -24.70 4.53
C ILE B 49 15.33 -24.18 5.96
N SER B 50 16.28 -23.32 6.38
CA SER B 50 16.30 -22.67 7.70
C SER B 50 16.04 -23.67 8.86
N ASN B 51 16.75 -24.82 8.85
CA ASN B 51 16.69 -25.90 9.84
C ASN B 51 15.39 -26.70 9.83
N TYR B 52 14.40 -26.31 9.00
CA TYR B 52 13.12 -27.03 8.87
C TYR B 52 13.29 -28.34 8.09
N LEU B 53 14.28 -29.18 8.48
CA LEU B 53 14.54 -30.47 7.83
C LEU B 53 14.49 -31.65 8.81
N ASN B 54 13.62 -32.65 8.52
CA ASN B 54 13.41 -33.83 9.36
C ASN B 54 13.89 -35.12 8.71
N TRP B 55 14.30 -36.07 9.55
CA TRP B 55 14.79 -37.36 9.12
C TRP B 55 13.84 -38.46 9.53
N TYR B 56 13.74 -39.50 8.67
CA TYR B 56 12.83 -40.63 8.83
C TYR B 56 13.56 -41.91 8.58
N GLN B 57 13.14 -42.98 9.28
CA GLN B 57 13.69 -44.31 9.12
C GLN B 57 12.52 -45.23 8.87
N GLN B 58 12.47 -45.77 7.67
CA GLN B 58 11.43 -46.71 7.31
C GLN B 58 12.11 -48.07 7.25
N LYS B 59 11.77 -48.96 8.22
CA LYS B 59 12.33 -50.31 8.33
C LYS B 59 11.80 -51.17 7.18
N PRO B 60 12.48 -52.28 6.77
CA PRO B 60 11.91 -53.10 5.67
C PRO B 60 10.55 -53.68 6.04
N ASP B 61 9.49 -53.25 5.30
CA ASP B 61 8.06 -53.57 5.47
C ASP B 61 7.55 -53.19 6.87
N GLY B 62 8.44 -52.60 7.66
CA GLY B 62 8.13 -52.11 8.98
C GLY B 62 7.55 -50.72 8.90
N THR B 63 7.19 -50.16 10.05
CA THR B 63 6.64 -48.81 10.09
C THR B 63 7.75 -47.81 9.76
N VAL B 64 7.34 -46.60 9.39
CA VAL B 64 8.21 -45.47 9.10
C VAL B 64 8.18 -44.60 10.38
N LYS B 65 9.36 -44.37 10.96
CA LYS B 65 9.52 -43.64 12.21
C LYS B 65 10.01 -42.25 11.93
N LEU B 66 9.70 -41.27 12.83
CA LEU B 66 10.27 -39.93 12.74
C LEU B 66 11.52 -40.03 13.59
N LEU B 67 12.67 -39.93 12.95
CA LEU B 67 13.93 -40.02 13.66
C LEU B 67 14.26 -38.73 14.36
N ILE B 68 14.66 -37.67 13.58
CA ILE B 68 15.06 -36.37 14.16
C ILE B 68 14.37 -35.16 13.44
N TYR B 69 13.47 -34.48 14.18
CA TYR B 69 12.72 -33.28 13.78
C TYR B 69 13.59 -32.07 13.91
N TYR B 70 13.31 -30.99 13.13
CA TYR B 70 14.03 -29.69 13.13
C TYR B 70 15.55 -29.87 13.25
N THR B 71 16.12 -30.51 12.23
CA THR B 71 17.52 -30.89 12.04
C THR B 71 18.04 -31.63 13.32
N SER B 72 18.97 -31.07 14.13
CA SER B 72 19.60 -31.75 15.28
C SER B 72 18.67 -32.31 16.41
N THR B 73 17.40 -31.85 16.51
CA THR B 73 16.45 -32.32 17.55
C THR B 73 16.06 -33.79 17.32
N LEU B 74 16.04 -34.63 18.37
CA LEU B 74 15.67 -36.06 18.27
C LEU B 74 14.25 -36.29 18.73
N HIS B 75 13.56 -37.26 18.11
CA HIS B 75 12.20 -37.62 18.52
C HIS B 75 12.25 -38.44 19.82
N SER B 76 11.18 -38.37 20.64
CA SER B 76 11.06 -39.08 21.92
C SER B 76 11.22 -40.59 21.75
N GLY B 77 12.16 -41.16 22.49
CA GLY B 77 12.45 -42.59 22.44
C GLY B 77 13.39 -43.04 21.34
N VAL B 78 13.99 -42.08 20.59
CA VAL B 78 14.96 -42.36 19.52
C VAL B 78 16.36 -42.47 20.19
N PRO B 79 17.17 -43.54 19.91
CA PRO B 79 18.49 -43.68 20.57
C PRO B 79 19.46 -42.52 20.33
N SER B 80 20.42 -42.32 21.26
CA SER B 80 21.41 -41.24 21.18
C SER B 80 22.35 -41.36 19.97
N ARG B 81 22.65 -42.60 19.50
CA ARG B 81 23.53 -42.90 18.35
C ARG B 81 23.26 -42.01 17.15
N PHE B 82 21.97 -41.64 16.94
CA PHE B 82 21.48 -40.76 15.87
C PHE B 82 21.76 -39.31 16.21
N SER B 83 22.43 -38.62 15.30
CA SER B 83 22.78 -37.21 15.43
C SER B 83 22.43 -36.47 14.15
N GLY B 84 21.85 -35.29 14.30
CA GLY B 84 21.47 -34.45 13.17
C GLY B 84 22.35 -33.24 13.03
N SER B 85 22.75 -32.96 11.79
CA SER B 85 23.61 -31.81 11.50
C SER B 85 23.18 -31.07 10.23
N GLY B 86 23.89 -29.99 9.92
CA GLY B 86 23.66 -29.13 8.78
C GLY B 86 22.87 -27.88 9.05
N SER B 87 23.04 -26.91 8.15
CA SER B 87 22.38 -25.60 8.13
C SER B 87 22.37 -25.07 6.69
N GLY B 88 21.53 -24.08 6.43
CA GLY B 88 21.39 -23.48 5.10
C GLY B 88 20.77 -24.39 4.05
N THR B 89 21.62 -25.03 3.23
CA THR B 89 21.16 -25.91 2.14
C THR B 89 21.57 -27.37 2.38
N ASP B 90 22.84 -27.64 2.75
CA ASP B 90 23.26 -29.03 3.00
C ASP B 90 23.15 -29.40 4.47
N TYR B 91 22.28 -30.37 4.77
CA TYR B 91 22.04 -30.91 6.10
C TYR B 91 22.45 -32.38 6.09
N SER B 92 22.73 -32.96 7.26
CA SER B 92 23.17 -34.34 7.33
C SER B 92 22.57 -35.10 8.48
N LEU B 93 22.57 -36.42 8.37
CA LEU B 93 22.20 -37.34 9.44
C LEU B 93 23.43 -38.20 9.68
N THR B 94 23.81 -38.38 10.94
CA THR B 94 24.99 -39.15 11.32
C THR B 94 24.63 -40.23 12.33
N ILE B 95 25.13 -41.46 12.11
CA ILE B 95 24.90 -42.60 13.02
C ILE B 95 26.23 -43.24 13.45
N SER B 96 26.49 -43.22 14.77
CA SER B 96 27.68 -43.80 15.38
C SER B 96 27.36 -45.22 15.85
N ASN B 97 28.41 -45.96 16.29
CA ASN B 97 28.37 -47.34 16.80
C ASN B 97 27.17 -48.20 16.23
N LEU B 98 27.03 -48.24 14.87
CA LEU B 98 26.02 -48.96 14.09
C LEU B 98 25.57 -50.32 14.69
N GLU B 99 24.24 -50.58 14.58
CA GLU B 99 23.55 -51.78 15.09
C GLU B 99 22.91 -52.58 13.96
N GLN B 100 22.59 -53.87 14.25
CA GLN B 100 21.96 -54.82 13.31
C GLN B 100 20.42 -54.67 13.22
N GLU B 101 19.91 -53.53 13.71
CA GLU B 101 18.51 -53.10 13.71
C GLU B 101 18.38 -51.74 13.01
N ASP B 102 19.51 -51.25 12.47
CA ASP B 102 19.58 -49.99 11.75
C ASP B 102 19.54 -50.22 10.23
N VAL B 103 19.40 -51.49 9.81
CA VAL B 103 19.26 -51.81 8.39
C VAL B 103 17.85 -51.40 7.95
N ALA B 104 17.77 -50.18 7.39
CA ALA B 104 16.55 -49.53 6.94
C ALA B 104 16.94 -48.38 6.04
N THR B 105 15.96 -47.78 5.36
CA THR B 105 16.22 -46.62 4.50
C THR B 105 16.01 -45.34 5.31
N TYR B 106 16.80 -44.31 5.02
CA TYR B 106 16.66 -43.03 5.70
C TYR B 106 16.30 -41.96 4.70
N PHE B 107 15.33 -41.12 5.05
CA PHE B 107 14.83 -40.08 4.16
C PHE B 107 15.01 -38.69 4.72
N CYS B 108 15.36 -37.74 3.88
CA CYS B 108 15.44 -36.37 4.32
C CYS B 108 14.06 -35.83 4.00
N GLN B 109 13.57 -34.85 4.76
CA GLN B 109 12.28 -34.21 4.51
C GLN B 109 12.26 -32.75 4.91
N GLN B 110 11.98 -31.87 3.95
CA GLN B 110 11.84 -30.45 4.24
C GLN B 110 10.37 -30.20 4.60
N GLY B 111 10.15 -29.07 5.27
CA GLY B 111 8.86 -28.60 5.71
C GLY B 111 8.80 -27.09 5.74
N TYR B 112 9.87 -26.45 5.22
CA TYR B 112 10.09 -25.01 5.13
C TYR B 112 8.98 -24.33 4.35
N THR B 113 8.60 -24.89 3.21
CA THR B 113 7.48 -24.45 2.37
C THR B 113 6.44 -25.58 2.26
N LEU B 114 5.21 -25.27 1.80
CA LEU B 114 4.11 -26.23 1.81
C LEU B 114 4.21 -27.41 0.84
N PRO B 115 4.69 -27.43 -0.43
CA PRO B 115 4.78 -28.76 -1.12
C PRO B 115 5.95 -29.43 -0.41
N TRP B 116 5.62 -30.14 0.71
CA TRP B 116 6.58 -30.74 1.62
C TRP B 116 7.30 -31.72 0.82
N THR B 117 8.59 -31.69 0.93
CA THR B 117 9.28 -32.59 0.05
C THR B 117 10.21 -33.49 0.83
N PHE B 118 10.27 -34.73 0.35
CA PHE B 118 11.10 -35.83 0.83
C PHE B 118 12.27 -35.99 -0.13
N GLY B 119 13.35 -36.55 0.40
CA GLY B 119 14.53 -36.88 -0.37
C GLY B 119 14.32 -38.25 -0.98
N GLY B 120 15.16 -38.60 -1.94
CA GLY B 120 15.10 -39.89 -2.65
C GLY B 120 15.31 -41.09 -1.74
N GLY B 121 16.14 -40.93 -0.72
CA GLY B 121 16.42 -42.00 0.22
C GLY B 121 17.83 -42.56 0.07
N THR B 122 18.31 -43.19 1.15
CA THR B 122 19.61 -43.83 1.21
C THR B 122 19.45 -45.08 2.04
N LYS B 123 19.44 -46.24 1.36
CA LYS B 123 19.31 -47.54 2.01
C LYS B 123 20.63 -47.79 2.66
N LEU B 124 20.59 -48.19 3.92
CA LEU B 124 21.78 -48.45 4.71
C LEU B 124 21.98 -49.93 4.78
N GLU B 125 22.99 -50.44 4.08
CA GLU B 125 23.33 -51.85 4.10
C GLU B 125 24.44 -52.08 5.14
N ILE B 126 24.48 -53.29 5.74
CA ILE B 126 25.51 -53.65 6.71
C ILE B 126 26.54 -54.62 6.06
N LYS B 127 27.82 -54.26 6.13
CA LYS B 127 28.92 -55.05 5.56
C LYS B 127 29.18 -56.31 6.37
N ARG B 128 29.71 -57.36 5.72
CA ARG B 128 30.07 -58.63 6.36
C ARG B 128 31.02 -59.49 5.49
N ALA B 129 31.55 -60.59 6.08
CA ALA B 129 32.43 -61.59 5.47
C ALA B 129 31.76 -62.25 4.25
N ASP B 130 32.59 -62.64 3.25
CA ASP B 130 32.10 -63.28 2.02
C ASP B 130 31.58 -64.68 2.27
N ALA B 131 30.25 -64.81 2.16
CA ALA B 131 29.51 -66.05 2.37
C ALA B 131 29.13 -66.70 1.04
N ALA B 132 29.37 -68.01 0.93
CA ALA B 132 29.03 -68.81 -0.24
C ALA B 132 27.55 -69.25 -0.09
N PRO B 133 26.73 -69.29 -1.19
CA PRO B 133 25.32 -69.67 -1.03
C PRO B 133 25.07 -71.16 -0.79
N THR B 134 23.90 -71.47 -0.18
CA THR B 134 23.42 -72.82 0.08
C THR B 134 22.38 -73.08 -1.01
N VAL B 135 22.90 -73.49 -2.18
CA VAL B 135 22.18 -73.77 -3.43
C VAL B 135 21.38 -75.07 -3.36
N SER B 136 20.06 -74.96 -3.52
CA SER B 136 19.13 -76.09 -3.45
C SER B 136 18.13 -76.08 -4.59
N ILE B 137 18.22 -77.10 -5.45
CA ILE B 137 17.32 -77.22 -6.61
C ILE B 137 16.16 -78.19 -6.27
N PHE B 138 14.93 -77.80 -6.67
CA PHE B 138 13.71 -78.57 -6.43
C PHE B 138 12.94 -78.92 -7.69
N PRO B 139 12.58 -80.20 -7.84
CA PRO B 139 11.82 -80.62 -9.02
C PRO B 139 10.35 -80.16 -8.97
N PRO B 140 9.64 -80.04 -10.12
CA PRO B 140 8.22 -79.65 -10.08
C PRO B 140 7.42 -80.75 -9.40
N SER B 141 6.61 -80.38 -8.39
CA SER B 141 5.79 -81.32 -7.63
C SER B 141 4.74 -81.95 -8.51
N SER B 142 4.39 -83.20 -8.21
CA SER B 142 3.34 -83.91 -8.95
C SER B 142 1.95 -83.28 -8.73
N GLU B 143 1.91 -82.14 -8.03
CA GLU B 143 0.67 -81.40 -7.80
C GLU B 143 0.49 -80.51 -9.02
N GLN B 144 1.42 -79.57 -9.23
CA GLN B 144 1.50 -78.58 -10.31
C GLN B 144 1.39 -79.22 -11.69
N LEU B 145 2.02 -80.41 -11.85
CA LEU B 145 2.09 -81.12 -13.12
C LEU B 145 0.71 -81.52 -13.66
N THR B 146 -0.31 -81.64 -12.79
CA THR B 146 -1.65 -81.97 -13.25
C THR B 146 -2.31 -80.74 -13.91
N SER B 147 -1.94 -79.52 -13.44
CA SER B 147 -2.42 -78.22 -13.94
C SER B 147 -1.81 -77.80 -15.31
N GLY B 148 -1.13 -78.73 -15.96
CA GLY B 148 -0.50 -78.55 -17.27
C GLY B 148 0.67 -77.59 -17.31
N GLY B 149 1.39 -77.49 -16.18
CA GLY B 149 2.57 -76.64 -16.05
C GLY B 149 3.64 -77.26 -15.18
N ALA B 150 4.87 -76.76 -15.31
CA ALA B 150 6.03 -77.24 -14.56
C ALA B 150 6.91 -76.08 -14.12
N SER B 151 7.49 -76.17 -12.92
CA SER B 151 8.35 -75.12 -12.41
C SER B 151 9.53 -75.66 -11.64
N VAL B 152 10.73 -75.26 -12.05
CA VAL B 152 11.97 -75.64 -11.39
C VAL B 152 12.38 -74.48 -10.50
N VAL B 153 12.68 -74.76 -9.22
CA VAL B 153 13.06 -73.76 -8.23
C VAL B 153 14.45 -74.00 -7.70
N CYS B 154 15.24 -72.95 -7.64
CA CYS B 154 16.61 -73.03 -7.16
C CYS B 154 16.82 -71.95 -6.11
N PHE B 155 17.00 -72.37 -4.83
CA PHE B 155 17.18 -71.46 -3.69
C PHE B 155 18.64 -71.37 -3.34
N LEU B 156 19.15 -70.15 -3.36
CA LEU B 156 20.54 -69.83 -3.05
C LEU B 156 20.46 -69.05 -1.77
N ASN B 157 21.00 -69.61 -0.69
CA ASN B 157 20.85 -69.02 0.63
C ASN B 157 22.12 -68.56 1.30
N ASN B 158 21.98 -67.55 2.17
CA ASN B 158 23.02 -66.95 3.01
C ASN B 158 24.35 -66.71 2.28
N PHE B 159 24.38 -65.64 1.46
CA PHE B 159 25.53 -65.23 0.66
C PHE B 159 25.81 -63.72 0.78
N TYR B 160 27.06 -63.29 0.52
CA TYR B 160 27.50 -61.90 0.53
C TYR B 160 28.74 -61.71 -0.38
N PRO B 161 28.83 -60.70 -1.30
CA PRO B 161 27.90 -59.59 -1.60
C PRO B 161 26.63 -59.92 -2.40
N LYS B 162 25.81 -58.88 -2.68
CA LYS B 162 24.50 -58.89 -3.34
C LYS B 162 24.39 -59.57 -4.72
N ASP B 163 25.31 -59.28 -5.67
CA ASP B 163 25.23 -59.83 -7.03
C ASP B 163 25.73 -61.27 -7.21
N VAL B 164 24.89 -62.07 -7.88
CA VAL B 164 25.16 -63.47 -8.23
C VAL B 164 24.42 -63.82 -9.53
N ASN B 165 25.19 -64.17 -10.58
CA ASN B 165 24.63 -64.55 -11.86
C ASN B 165 24.07 -65.97 -11.78
N VAL B 166 22.78 -66.14 -12.13
CA VAL B 166 22.14 -67.45 -12.15
C VAL B 166 22.32 -68.05 -13.55
N LYS B 167 22.34 -69.38 -13.66
CA LYS B 167 22.47 -70.05 -14.94
C LYS B 167 21.63 -71.31 -14.96
N TRP B 168 20.72 -71.39 -15.94
CA TRP B 168 19.83 -72.52 -16.13
C TRP B 168 20.14 -73.20 -17.45
N LYS B 169 21.03 -74.19 -17.40
CA LYS B 169 21.39 -74.96 -18.58
C LYS B 169 20.50 -76.21 -18.56
N ILE B 170 19.47 -76.24 -19.42
CA ILE B 170 18.58 -77.39 -19.53
C ILE B 170 19.34 -78.40 -20.37
N ASP B 171 19.78 -79.50 -19.75
CA ASP B 171 20.55 -80.56 -20.42
C ASP B 171 21.83 -79.94 -21.05
N GLY B 172 22.46 -79.04 -20.29
CA GLY B 172 23.66 -78.33 -20.68
C GLY B 172 23.44 -77.13 -21.58
N SER B 173 22.39 -77.16 -22.42
CA SER B 173 22.05 -76.09 -23.36
C SER B 173 21.52 -74.84 -22.65
N GLU B 174 22.14 -73.68 -22.94
CA GLU B 174 21.86 -72.35 -22.35
C GLU B 174 20.39 -71.94 -22.48
N ARG B 175 19.69 -71.75 -21.34
CA ARG B 175 18.30 -71.31 -21.38
C ARG B 175 18.11 -69.91 -20.77
N GLN B 176 17.97 -68.93 -21.67
CA GLN B 176 17.78 -67.50 -21.39
C GLN B 176 16.27 -67.16 -21.33
N SER B 177 15.41 -68.09 -21.80
CA SER B 177 13.96 -67.93 -21.90
C SER B 177 13.19 -68.32 -20.66
N GLY B 178 12.23 -67.48 -20.30
CA GLY B 178 11.30 -67.64 -19.17
C GLY B 178 11.91 -67.87 -17.81
N VAL B 179 12.99 -67.13 -17.50
CA VAL B 179 13.69 -67.24 -16.21
C VAL B 179 13.37 -66.01 -15.37
N LEU B 180 12.80 -66.21 -14.17
CA LEU B 180 12.44 -65.08 -13.32
C LEU B 180 12.96 -65.22 -11.89
N ASN B 181 13.85 -64.30 -11.49
CA ASN B 181 14.51 -64.31 -10.20
C ASN B 181 13.89 -63.36 -9.16
N SER B 182 14.22 -63.59 -7.85
CA SER B 182 13.74 -62.82 -6.69
C SER B 182 14.75 -62.85 -5.54
N TRP B 183 15.13 -61.66 -5.01
CA TRP B 183 16.09 -61.50 -3.91
C TRP B 183 15.39 -60.97 -2.66
N THR B 184 15.86 -61.41 -1.48
CA THR B 184 15.37 -60.90 -0.21
C THR B 184 16.35 -59.82 0.28
N ASP B 185 15.85 -58.87 1.10
CA ASP B 185 16.68 -57.80 1.65
C ASP B 185 17.60 -58.32 2.77
N GLN B 186 18.59 -57.50 3.17
CA GLN B 186 19.55 -57.81 4.24
C GLN B 186 18.82 -58.31 5.49
N ASP B 187 19.04 -59.59 5.82
CA ASP B 187 18.48 -60.29 6.97
C ASP B 187 19.00 -59.69 8.31
N SER B 188 18.30 -59.92 9.42
CA SER B 188 18.71 -59.41 10.73
C SER B 188 19.63 -60.37 11.47
N LYS B 189 19.43 -61.70 11.28
CA LYS B 189 20.17 -62.80 11.91
C LYS B 189 21.68 -62.71 11.67
N ASP B 190 22.16 -63.15 10.50
CA ASP B 190 23.58 -63.10 10.13
C ASP B 190 23.85 -62.09 9.00
N SER B 191 22.82 -61.27 8.65
CA SER B 191 22.83 -60.23 7.62
C SER B 191 23.32 -60.74 6.26
N THR B 192 22.63 -61.74 5.71
CA THR B 192 22.97 -62.35 4.43
C THR B 192 21.75 -62.38 3.53
N TYR B 193 21.98 -62.16 2.23
CA TYR B 193 20.92 -62.20 1.24
C TYR B 193 20.68 -63.64 0.78
N SER B 194 19.47 -63.88 0.29
CA SER B 194 19.05 -65.14 -0.28
C SER B 194 18.35 -64.81 -1.59
N MET B 195 18.54 -65.67 -2.60
CA MET B 195 17.95 -65.53 -3.91
C MET B 195 17.20 -66.79 -4.34
N SER B 196 16.15 -66.61 -5.14
CA SER B 196 15.31 -67.67 -5.67
C SER B 196 15.11 -67.46 -7.15
N SER B 197 15.38 -68.50 -7.96
CA SER B 197 15.20 -68.44 -9.41
C SER B 197 14.24 -69.52 -9.85
N THR B 198 13.23 -69.13 -10.64
CA THR B 198 12.19 -70.03 -11.14
C THR B 198 12.18 -70.10 -12.65
N LEU B 199 12.38 -71.33 -13.14
CA LEU B 199 12.36 -71.69 -14.54
C LEU B 199 11.02 -72.40 -14.75
N THR B 200 10.02 -71.67 -15.32
CA THR B 200 8.68 -72.19 -15.59
C THR B 200 8.63 -72.76 -17.02
N LEU B 201 8.16 -74.00 -17.15
CA LEU B 201 8.04 -74.70 -18.44
C LEU B 201 6.63 -75.29 -18.58
N THR B 202 6.21 -75.60 -19.82
CA THR B 202 4.93 -76.25 -20.06
C THR B 202 5.15 -77.73 -19.81
N LYS B 203 4.17 -78.41 -19.19
CA LYS B 203 4.21 -79.83 -18.84
C LYS B 203 5.07 -80.65 -19.79
N ASP B 204 4.73 -80.60 -21.09
CA ASP B 204 5.36 -81.31 -22.22
C ASP B 204 6.85 -81.05 -22.36
N GLU B 205 7.29 -79.78 -22.28
CA GLU B 205 8.69 -79.42 -22.43
C GLU B 205 9.53 -80.07 -21.34
N TYR B 206 9.10 -79.93 -20.07
CA TYR B 206 9.79 -80.51 -18.91
C TYR B 206 9.87 -82.03 -19.01
N GLU B 207 8.80 -82.63 -19.54
CA GLU B 207 8.69 -84.06 -19.76
C GLU B 207 9.56 -84.52 -20.95
N ARG B 208 9.97 -83.57 -21.84
CA ARG B 208 10.79 -83.83 -23.02
C ARG B 208 12.26 -84.06 -22.67
N HIS B 209 12.93 -83.10 -22.01
CA HIS B 209 14.36 -83.20 -21.62
C HIS B 209 14.57 -83.64 -20.17
N ASN B 210 15.70 -84.34 -19.95
CA ASN B 210 16.09 -84.94 -18.67
C ASN B 210 16.83 -84.00 -17.69
N SER B 211 18.11 -83.68 -17.99
CA SER B 211 18.98 -82.87 -17.14
C SER B 211 18.54 -81.41 -16.96
N TYR B 212 18.58 -80.94 -15.70
CA TYR B 212 18.27 -79.56 -15.28
C TYR B 212 19.27 -79.16 -14.20
N THR B 213 20.14 -78.21 -14.55
CA THR B 213 21.18 -77.71 -13.66
C THR B 213 20.82 -76.29 -13.21
N CYS B 214 21.62 -75.72 -12.31
CA CYS B 214 21.44 -74.37 -11.78
C CYS B 214 22.80 -73.88 -11.26
N GLU B 215 23.47 -73.00 -12.03
CA GLU B 215 24.81 -72.50 -11.70
C GLU B 215 24.82 -71.08 -11.14
N ALA B 216 25.52 -70.90 -10.01
CA ALA B 216 25.68 -69.63 -9.32
C ALA B 216 27.05 -69.06 -9.64
N THR B 217 27.09 -67.78 -10.06
CA THR B 217 28.33 -67.08 -10.37
C THR B 217 28.50 -66.01 -9.30
N HIS B 218 29.19 -66.39 -8.21
CA HIS B 218 29.50 -65.55 -7.05
C HIS B 218 31.00 -65.60 -6.74
N LYS B 219 31.56 -64.46 -6.30
CA LYS B 219 32.99 -64.35 -5.99
C LYS B 219 33.32 -64.63 -4.51
N THR B 220 33.20 -65.91 -4.10
CA THR B 220 33.54 -66.39 -2.76
C THR B 220 34.72 -67.33 -2.95
N SER B 221 34.57 -68.27 -3.93
CA SER B 221 35.57 -69.28 -4.27
C SER B 221 35.97 -69.22 -5.75
N THR B 222 37.12 -69.86 -6.07
CA THR B 222 37.75 -69.97 -7.39
C THR B 222 36.84 -70.50 -8.52
N SER B 223 35.85 -71.35 -8.17
CA SER B 223 34.94 -72.00 -9.12
C SER B 223 33.46 -71.58 -8.96
N PRO B 224 32.59 -71.71 -10.00
CA PRO B 224 31.16 -71.38 -9.80
C PRO B 224 30.44 -72.49 -9.04
N ILE B 225 29.42 -72.16 -8.25
CA ILE B 225 28.68 -73.17 -7.48
C ILE B 225 27.63 -73.83 -8.39
N VAL B 226 27.80 -75.15 -8.66
CA VAL B 226 26.96 -75.93 -9.57
C VAL B 226 26.12 -77.01 -8.86
N THR B 227 24.78 -76.92 -9.02
CA THR B 227 23.81 -77.88 -8.49
C THR B 227 23.08 -78.53 -9.69
N SER B 228 22.61 -79.77 -9.54
CA SER B 228 21.93 -80.47 -10.63
C SER B 228 20.76 -81.33 -10.18
N PHE B 229 19.91 -81.71 -11.14
CA PHE B 229 18.77 -82.61 -10.97
C PHE B 229 18.42 -83.28 -12.31
N ASN B 230 18.44 -84.61 -12.32
CA ASN B 230 18.10 -85.40 -13.51
C ASN B 230 16.84 -86.16 -13.18
N ARG B 231 15.79 -85.99 -14.01
CA ARG B 231 14.50 -86.66 -13.79
C ARG B 231 14.57 -88.16 -14.07
N ASN B 232 14.00 -88.97 -13.16
CA ASN B 232 14.05 -90.42 -13.29
C ASN B 232 12.64 -91.06 -13.41
N GLU B 233 12.30 -91.54 -14.64
CA GLU B 233 11.02 -92.16 -15.00
C GLU B 233 11.20 -93.02 -16.27
N CYS B 234 10.71 -94.29 -16.21
CA CYS B 234 10.77 -95.26 -17.31
C CYS B 234 9.68 -96.35 -17.14
N VAL C 21 3.72 45.31 15.46
CA VAL C 21 3.45 44.10 14.66
C VAL C 21 2.82 44.49 13.28
N GLN C 22 3.52 45.40 12.58
CA GLN C 22 3.12 45.94 11.29
C GLN C 22 3.90 45.34 10.10
N LEU C 23 3.43 45.60 8.86
CA LEU C 23 4.02 45.20 7.58
C LEU C 23 4.35 46.43 6.74
N GLN C 24 5.67 46.65 6.60
CA GLN C 24 6.33 47.79 5.96
C GLN C 24 6.50 47.63 4.45
N GLN C 25 5.56 48.18 3.68
CA GLN C 25 5.59 48.10 2.22
C GLN C 25 6.47 49.18 1.65
N SER C 26 7.25 48.84 0.58
CA SER C 26 8.15 49.78 -0.10
C SER C 26 7.38 50.89 -0.86
N GLY C 27 8.08 51.97 -1.20
CA GLY C 27 7.50 53.11 -1.91
C GLY C 27 7.10 52.77 -3.32
N ALA C 28 6.04 53.42 -3.85
CA ALA C 28 5.47 53.23 -5.20
C ALA C 28 6.50 53.36 -6.34
N GLU C 29 6.54 52.35 -7.26
CA GLU C 29 7.51 52.29 -8.36
C GLU C 29 6.92 52.57 -9.74
N LEU C 30 7.64 53.36 -10.56
CA LEU C 30 7.28 53.65 -11.94
C LEU C 30 8.28 52.88 -12.81
N VAL C 31 7.80 51.82 -13.51
CA VAL C 31 8.64 50.93 -14.33
C VAL C 31 8.29 51.00 -15.81
N LYS C 32 9.34 50.92 -16.67
CA LYS C 32 9.23 50.92 -18.13
C LYS C 32 8.66 49.56 -18.58
N PRO C 33 7.90 49.49 -19.70
CA PRO C 33 7.32 48.20 -20.12
C PRO C 33 8.32 47.12 -20.56
N GLY C 34 8.10 45.88 -20.10
CA GLY C 34 8.92 44.70 -20.39
C GLY C 34 9.97 44.39 -19.33
N ALA C 35 10.39 45.42 -18.58
CA ALA C 35 11.38 45.36 -17.50
C ALA C 35 10.85 44.61 -16.28
N SER C 36 11.71 44.45 -15.27
CA SER C 36 11.41 43.74 -14.03
C SER C 36 11.54 44.62 -12.80
N VAL C 37 10.63 44.42 -11.82
CA VAL C 37 10.60 45.15 -10.55
C VAL C 37 10.55 44.19 -9.34
N LYS C 38 11.40 44.48 -8.34
CA LYS C 38 11.44 43.70 -7.11
C LYS C 38 10.93 44.59 -5.98
N LEU C 39 9.72 44.30 -5.50
CA LEU C 39 9.06 45.04 -4.42
C LEU C 39 9.48 44.50 -3.04
N SER C 40 9.30 45.32 -2.00
CA SER C 40 9.71 44.93 -0.66
C SER C 40 8.57 45.00 0.34
N CYS C 41 8.72 44.19 1.40
CA CYS C 41 7.78 44.04 2.50
C CYS C 41 8.58 43.64 3.75
N THR C 42 8.68 44.52 4.75
CA THR C 42 9.46 44.25 5.97
C THR C 42 8.57 44.04 7.19
N ALA C 43 8.87 42.99 7.98
CA ALA C 43 8.09 42.66 9.17
C ALA C 43 8.55 43.41 10.41
N SER C 44 7.59 44.08 11.06
CA SER C 44 7.83 44.82 12.29
C SER C 44 7.31 43.99 13.45
N GLY C 45 8.04 43.99 14.56
CA GLY C 45 7.65 43.26 15.76
C GLY C 45 7.79 41.76 15.66
N PHE C 46 6.87 41.08 14.92
CA PHE C 46 6.89 39.62 14.77
C PHE C 46 8.05 39.09 13.93
N ASN C 47 8.28 37.75 13.96
CA ASN C 47 9.31 37.06 13.19
C ASN C 47 8.64 36.41 12.01
N ILE C 48 9.09 36.71 10.76
CA ILE C 48 8.45 36.16 9.55
C ILE C 48 8.41 34.64 9.56
N LYS C 49 9.45 34.01 10.12
CA LYS C 49 9.60 32.56 10.29
C LYS C 49 8.32 31.94 10.99
N GLU C 50 7.47 32.80 11.59
CA GLU C 50 6.26 32.40 12.33
C GLU C 50 4.94 32.50 11.54
N THR C 51 4.98 32.72 10.20
CA THR C 51 3.80 32.78 9.30
C THR C 51 4.11 32.67 7.81
N TYR C 52 3.07 32.50 7.01
CA TYR C 52 3.15 32.51 5.57
C TYR C 52 2.95 33.95 5.09
N ILE C 53 3.79 34.41 4.15
CA ILE C 53 3.69 35.72 3.50
C ILE C 53 2.98 35.51 2.18
N HIS C 54 1.89 36.25 1.95
CA HIS C 54 1.10 36.16 0.72
C HIS C 54 1.14 37.52 -0.01
N TRP C 55 1.04 37.50 -1.34
CA TRP C 55 1.00 38.72 -2.14
C TRP C 55 -0.26 38.80 -2.98
N VAL C 56 -0.81 40.01 -3.11
CA VAL C 56 -2.04 40.25 -3.86
C VAL C 56 -1.90 41.44 -4.84
N LYS C 57 -2.43 41.29 -6.06
CA LYS C 57 -2.41 42.30 -7.13
C LYS C 57 -3.78 42.93 -7.23
N GLN C 58 -3.84 44.27 -7.26
CA GLN C 58 -5.14 44.92 -7.42
C GLN C 58 -5.13 45.90 -8.54
N ARG C 59 -5.72 45.50 -9.68
CA ARG C 59 -5.83 46.35 -10.86
C ARG C 59 -6.67 47.62 -10.53
N PRO C 60 -6.37 48.81 -11.11
CA PRO C 60 -7.15 50.02 -10.77
C PRO C 60 -8.65 49.88 -11.08
N GLU C 61 -9.46 50.07 -10.03
CA GLU C 61 -10.93 49.92 -10.00
C GLU C 61 -11.28 48.53 -10.55
N GLN C 62 -10.85 47.51 -9.78
CA GLN C 62 -11.00 46.08 -10.05
C GLN C 62 -10.81 45.26 -8.77
N GLY C 63 -11.15 43.96 -8.86
CA GLY C 63 -11.01 42.99 -7.79
C GLY C 63 -9.57 42.63 -7.50
N LEU C 64 -9.32 42.02 -6.33
CA LEU C 64 -8.00 41.57 -5.90
C LEU C 64 -7.69 40.27 -6.59
N GLU C 65 -6.39 39.99 -6.80
CA GLU C 65 -5.92 38.75 -7.44
C GLU C 65 -4.77 38.19 -6.61
N TRP C 66 -4.91 36.95 -6.10
CA TRP C 66 -3.88 36.32 -5.28
C TRP C 66 -2.71 35.93 -6.17
N ILE C 67 -1.53 36.52 -5.91
CA ILE C 67 -0.31 36.26 -6.68
C ILE C 67 0.31 34.90 -6.32
N GLY C 68 0.54 34.70 -5.03
CA GLY C 68 1.13 33.49 -4.49
C GLY C 68 1.53 33.69 -3.05
N ARG C 69 1.90 32.60 -2.36
CA ARG C 69 2.33 32.63 -0.98
C ARG C 69 3.76 32.11 -0.81
N ILE C 70 4.26 32.01 0.44
CA ILE C 70 5.58 31.47 0.74
C ILE C 70 5.73 31.13 2.23
N ASP C 71 6.34 29.99 2.52
CA ASP C 71 6.72 29.64 3.89
C ASP C 71 8.18 30.18 3.92
N PRO C 72 8.48 31.23 4.74
CA PRO C 72 9.83 31.83 4.73
C PRO C 72 11.00 30.87 4.96
N ALA C 73 10.74 29.68 5.53
CA ALA C 73 11.76 28.67 5.76
C ALA C 73 12.16 27.96 4.45
N ASP C 74 11.16 27.74 3.56
CA ASP C 74 11.28 27.06 2.27
C ASP C 74 12.12 27.82 1.24
N VAL C 75 11.74 29.08 0.94
CA VAL C 75 12.34 29.97 -0.05
C VAL C 75 12.24 29.29 -1.46
N TYR C 76 10.99 28.93 -1.81
CA TYR C 76 10.50 28.41 -3.09
C TYR C 76 8.96 28.45 -3.04
N GLY C 77 8.45 29.67 -2.96
CA GLY C 77 7.03 29.99 -2.83
C GLY C 77 6.13 29.50 -3.94
N ARG C 78 4.92 29.07 -3.58
CA ARG C 78 3.91 28.58 -4.51
C ARG C 78 3.16 29.77 -5.12
N TYR C 79 2.83 29.69 -6.42
CA TYR C 79 2.11 30.77 -7.12
C TYR C 79 0.88 30.27 -7.87
N ASP C 80 -0.03 31.19 -8.23
CA ASP C 80 -1.22 30.89 -9.00
C ASP C 80 -0.72 30.56 -10.42
N PRO C 81 -1.26 29.50 -11.07
CA PRO C 81 -0.78 29.16 -12.42
C PRO C 81 -0.92 30.27 -13.45
N LYS C 82 -1.90 31.19 -13.27
CA LYS C 82 -2.11 32.34 -14.17
C LYS C 82 -0.92 33.29 -14.10
N PHE C 83 -0.16 33.23 -12.98
CA PHE C 83 1.02 34.05 -12.67
C PHE C 83 2.32 33.26 -12.70
N GLN C 84 2.25 31.92 -12.74
CA GLN C 84 3.40 31.02 -12.75
C GLN C 84 4.55 31.50 -13.64
N GLY C 85 5.74 31.64 -13.07
CA GLY C 85 6.93 32.07 -13.79
C GLY C 85 7.12 33.58 -13.95
N LYS C 86 6.02 34.33 -14.12
CA LYS C 86 6.01 35.78 -14.28
C LYS C 86 6.40 36.50 -12.99
N ALA C 87 5.87 36.02 -11.82
CA ALA C 87 6.11 36.55 -10.47
C ALA C 87 6.80 35.51 -9.58
N THR C 88 7.88 35.93 -8.92
CA THR C 88 8.69 35.08 -8.05
C THR C 88 8.94 35.72 -6.68
N ILE C 89 8.17 35.25 -5.66
CA ILE C 89 8.24 35.68 -4.28
C ILE C 89 9.38 34.94 -3.59
N THR C 90 10.33 35.69 -3.04
CA THR C 90 11.50 35.19 -2.33
C THR C 90 11.68 35.98 -1.04
N ALA C 91 11.75 35.29 0.12
CA ALA C 91 11.90 35.96 1.41
C ALA C 91 13.27 35.79 2.05
N ASP C 92 13.71 36.84 2.77
CA ASP C 92 14.95 36.89 3.53
C ASP C 92 14.58 36.95 5.01
N THR C 93 14.81 35.84 5.71
CA THR C 93 14.54 35.69 7.15
C THR C 93 15.48 36.54 7.97
N SER C 94 16.77 36.60 7.54
CA SER C 94 17.86 37.35 8.17
C SER C 94 17.49 38.84 8.34
N SER C 95 16.92 39.44 7.29
CA SER C 95 16.46 40.84 7.30
C SER C 95 14.98 40.94 7.70
N ASN C 96 14.35 39.77 8.03
CA ASN C 96 12.95 39.63 8.45
C ASN C 96 11.99 40.31 7.45
N SER C 97 12.23 40.09 6.13
CA SER C 97 11.47 40.70 5.04
C SER C 97 11.31 39.79 3.80
N ALA C 98 10.22 39.99 3.05
CA ALA C 98 9.89 39.25 1.83
C ALA C 98 9.97 40.16 0.60
N TYR C 99 10.14 39.55 -0.59
CA TYR C 99 10.25 40.30 -1.83
C TYR C 99 9.43 39.70 -2.95
N LEU C 100 8.80 40.55 -3.77
CA LEU C 100 8.04 40.10 -4.93
C LEU C 100 8.81 40.54 -6.16
N GLN C 101 9.31 39.57 -6.93
CA GLN C 101 10.05 39.87 -8.15
C GLN C 101 9.12 39.61 -9.34
N VAL C 102 8.63 40.70 -9.99
CA VAL C 102 7.75 40.63 -11.17
C VAL C 102 8.59 41.02 -12.42
N SER C 103 8.46 40.23 -13.50
CA SER C 103 9.20 40.44 -14.74
C SER C 103 8.26 40.52 -15.92
N SER C 104 8.79 40.94 -17.10
CA SER C 104 8.07 41.07 -18.37
C SER C 104 6.70 41.77 -18.14
N LEU C 105 6.79 43.06 -17.67
CA LEU C 105 5.71 43.97 -17.30
C LEU C 105 4.96 44.54 -18.48
N THR C 106 3.63 44.64 -18.33
CA THR C 106 2.68 45.10 -19.33
C THR C 106 1.81 46.18 -18.64
N SER C 107 0.95 46.89 -19.42
CA SER C 107 -0.04 47.85 -18.95
C SER C 107 -1.08 47.10 -18.06
N GLU C 108 -1.27 45.78 -18.32
CA GLU C 108 -2.16 44.88 -17.54
C GLU C 108 -1.61 44.60 -16.13
N ASP C 109 -0.37 45.05 -15.86
CA ASP C 109 0.36 44.94 -14.58
C ASP C 109 0.30 46.22 -13.76
N THR C 110 -0.14 47.34 -14.37
CA THR C 110 -0.27 48.61 -13.64
C THR C 110 -1.36 48.38 -12.59
N ALA C 111 -0.95 48.23 -11.31
CA ALA C 111 -1.78 47.86 -10.16
C ALA C 111 -1.06 48.12 -8.81
N VAL C 112 -1.77 47.86 -7.68
CA VAL C 112 -1.29 47.97 -6.30
C VAL C 112 -0.98 46.55 -5.84
N TYR C 113 0.18 46.36 -5.21
CA TYR C 113 0.64 45.04 -4.76
C TYR C 113 0.75 44.93 -3.26
N TYR C 114 -0.22 44.23 -2.65
CA TYR C 114 -0.31 44.01 -1.21
C TYR C 114 0.51 42.84 -0.78
N CYS C 115 1.11 42.96 0.41
CA CYS C 115 1.88 41.92 1.05
C CYS C 115 1.15 41.67 2.35
N ALA C 116 0.70 40.45 2.55
CA ALA C 116 -0.06 40.08 3.73
C ALA C 116 0.55 38.88 4.47
N ARG C 117 0.11 38.69 5.71
CA ARG C 117 0.55 37.62 6.58
C ARG C 117 -0.61 36.63 6.79
N SER C 118 -0.28 35.37 6.92
CA SER C 118 -1.31 34.37 7.12
C SER C 118 -0.80 33.28 8.00
N TYR C 119 -1.67 32.82 8.89
CA TYR C 119 -1.35 31.74 9.80
C TYR C 119 -1.63 30.35 9.20
N GLY C 120 -2.38 30.30 8.09
CA GLY C 120 -2.75 29.07 7.41
C GLY C 120 -4.05 29.16 6.66
N SER C 121 -4.52 28.02 6.13
CA SER C 121 -5.78 27.87 5.36
C SER C 121 -6.99 28.34 6.18
N SER C 122 -7.10 27.80 7.41
CA SER C 122 -8.17 28.02 8.39
C SER C 122 -8.11 29.38 9.12
N TYR C 123 -7.28 30.32 8.64
CA TYR C 123 -7.13 31.61 9.29
C TYR C 123 -7.15 32.81 8.34
N GLY C 124 -6.83 32.57 7.06
CA GLY C 124 -6.77 33.60 6.01
C GLY C 124 -5.65 34.61 6.17
N ILE C 125 -5.61 35.63 5.28
CA ILE C 125 -4.66 36.74 5.25
C ILE C 125 -5.15 37.79 6.26
N ASP C 126 -4.62 37.73 7.50
CA ASP C 126 -4.98 38.59 8.63
C ASP C 126 -4.37 39.98 8.55
N TYR C 127 -3.04 40.10 8.65
CA TYR C 127 -2.44 41.43 8.56
C TYR C 127 -2.12 41.78 7.10
N TRP C 128 -2.68 42.90 6.62
CA TRP C 128 -2.47 43.37 5.26
C TRP C 128 -1.63 44.63 5.23
N GLY C 129 -0.58 44.59 4.42
CA GLY C 129 0.30 45.73 4.17
C GLY C 129 -0.48 46.85 3.50
N GLN C 130 0.09 48.04 3.48
CA GLN C 130 -0.54 49.24 2.92
C GLN C 130 -0.69 49.18 1.40
N GLY C 131 0.25 48.51 0.73
CA GLY C 131 0.26 48.32 -0.72
C GLY C 131 1.24 49.21 -1.46
N THR C 132 1.94 48.62 -2.44
CA THR C 132 2.95 49.31 -3.29
C THR C 132 2.38 49.49 -4.69
N SER C 133 2.29 50.75 -5.17
CA SER C 133 1.76 51.02 -6.50
C SER C 133 2.81 50.88 -7.58
N VAL C 134 2.55 50.01 -8.55
CA VAL C 134 3.45 49.78 -9.67
C VAL C 134 2.80 50.36 -10.94
N THR C 135 3.44 51.39 -11.51
CA THR C 135 2.94 52.04 -12.71
C THR C 135 3.79 51.60 -13.90
N VAL C 136 3.20 50.83 -14.83
CA VAL C 136 3.92 50.34 -16.02
C VAL C 136 3.64 51.29 -17.17
N SER C 137 4.59 52.21 -17.42
CA SER C 137 4.47 53.20 -18.49
C SER C 137 5.79 53.68 -19.02
N SER C 138 5.88 53.77 -20.37
CA SER C 138 7.02 54.29 -21.12
C SER C 138 7.09 55.84 -21.02
N ALA C 139 6.08 56.43 -20.34
CA ALA C 139 5.97 57.87 -20.09
C ALA C 139 6.95 58.28 -19.00
N LYS C 140 7.40 59.56 -19.02
CA LYS C 140 8.39 60.12 -18.07
C LYS C 140 7.77 60.89 -16.90
N THR C 141 8.51 61.01 -15.77
CA THR C 141 8.08 61.72 -14.56
C THR C 141 7.92 63.21 -14.82
N THR C 142 6.71 63.75 -14.58
CA THR C 142 6.49 65.18 -14.79
C THR C 142 5.82 65.81 -13.57
N PRO C 143 6.39 66.92 -13.04
CA PRO C 143 5.77 67.57 -11.86
C PRO C 143 4.47 68.29 -12.23
N PRO C 144 3.55 68.55 -11.28
CA PRO C 144 2.29 69.19 -11.64
C PRO C 144 2.39 70.69 -11.90
N SER C 145 1.32 71.25 -12.46
CA SER C 145 1.19 72.65 -12.78
C SER C 145 -0.10 73.12 -12.11
N VAL C 146 0.02 73.54 -10.85
CA VAL C 146 -1.10 73.96 -10.02
C VAL C 146 -1.71 75.29 -10.51
N TYR C 147 -3.03 75.31 -10.66
CA TYR C 147 -3.80 76.47 -11.10
C TYR C 147 -4.87 76.80 -10.06
N PRO C 148 -4.83 78.00 -9.46
CA PRO C 148 -5.82 78.34 -8.44
C PRO C 148 -7.18 78.63 -9.05
N LEU C 149 -8.27 78.41 -8.31
CA LEU C 149 -9.63 78.64 -8.84
C LEU C 149 -10.52 79.45 -7.91
N ALA C 150 -10.48 80.78 -8.06
CA ALA C 150 -11.30 81.69 -7.27
C ALA C 150 -12.65 81.98 -7.98
N PRO C 151 -13.74 82.34 -7.24
CA PRO C 151 -15.02 82.63 -7.93
C PRO C 151 -15.14 84.08 -8.39
N SER C 159 -23.53 83.98 1.06
CA SER C 159 -23.86 82.85 1.92
C SER C 159 -22.58 82.12 2.32
N MET C 160 -22.30 80.98 1.69
CA MET C 160 -21.09 80.17 1.85
C MET C 160 -20.28 80.45 0.60
N VAL C 161 -19.01 80.05 0.58
CA VAL C 161 -18.22 80.25 -0.61
C VAL C 161 -17.40 79.00 -0.92
N THR C 162 -17.55 78.50 -2.16
CA THR C 162 -16.85 77.33 -2.69
C THR C 162 -15.62 77.86 -3.44
N LEU C 163 -14.49 77.17 -3.28
CA LEU C 163 -13.24 77.55 -3.91
C LEU C 163 -12.54 76.31 -4.41
N GLY C 164 -11.85 76.42 -5.54
CA GLY C 164 -11.15 75.31 -6.17
C GLY C 164 -9.65 75.45 -6.33
N CYS C 165 -9.03 74.39 -6.83
CA CYS C 165 -7.60 74.26 -7.10
C CYS C 165 -7.42 73.15 -8.11
N LEU C 166 -6.82 73.46 -9.27
CA LEU C 166 -6.61 72.48 -10.33
C LEU C 166 -5.16 72.04 -10.43
N VAL C 167 -4.94 70.72 -10.47
CA VAL C 167 -3.61 70.11 -10.56
C VAL C 167 -3.57 69.43 -11.92
N LYS C 168 -2.94 70.07 -12.92
CA LYS C 168 -2.91 69.48 -14.27
C LYS C 168 -1.51 69.08 -14.74
N GLY C 169 -1.46 68.02 -15.53
CA GLY C 169 -0.25 67.49 -16.17
C GLY C 169 0.85 67.01 -15.25
N TYR C 170 0.63 65.85 -14.61
CA TYR C 170 1.62 65.23 -13.75
C TYR C 170 1.75 63.74 -13.99
N PHE C 171 2.95 63.21 -13.78
CA PHE C 171 3.21 61.80 -13.99
C PHE C 171 4.29 61.28 -13.05
N PRO C 172 4.06 60.16 -12.36
CA PRO C 172 2.83 59.36 -12.30
C PRO C 172 1.96 59.82 -11.13
N GLU C 173 1.04 58.97 -10.65
CA GLU C 173 0.25 59.25 -9.47
C GLU C 173 1.14 58.83 -8.26
N PRO C 174 0.93 59.33 -7.01
CA PRO C 174 -0.13 60.20 -6.51
C PRO C 174 0.30 61.65 -6.25
N VAL C 175 -0.66 62.47 -5.78
CA VAL C 175 -0.47 63.85 -5.34
C VAL C 175 -1.23 64.08 -4.05
N THR C 176 -0.51 64.49 -3.01
CA THR C 176 -1.14 64.76 -1.72
C THR C 176 -1.62 66.21 -1.76
N VAL C 177 -2.94 66.42 -1.75
CA VAL C 177 -3.53 67.76 -1.80
C VAL C 177 -4.21 68.07 -0.46
N THR C 178 -3.74 69.15 0.21
CA THR C 178 -4.24 69.63 1.50
C THR C 178 -4.64 71.12 1.44
N TRP C 179 -5.44 71.61 2.41
CA TRP C 179 -5.89 73.03 2.43
C TRP C 179 -5.45 73.82 3.65
N ASN C 180 -4.80 74.97 3.40
CA ASN C 180 -4.25 75.91 4.39
C ASN C 180 -3.35 75.18 5.41
N SER C 181 -2.39 74.38 4.88
CA SER C 181 -1.44 73.50 5.58
C SER C 181 -2.15 72.40 6.36
N GLY C 182 -3.22 71.87 5.76
CA GLY C 182 -4.05 70.80 6.32
C GLY C 182 -4.92 71.20 7.48
N SER C 183 -4.82 72.46 7.95
CA SER C 183 -5.60 73.00 9.07
C SER C 183 -7.09 73.13 8.74
N LEU C 184 -7.41 73.31 7.45
CA LEU C 184 -8.77 73.41 6.95
C LEU C 184 -9.28 72.02 6.51
N SER C 185 -9.56 71.14 7.50
CA SER C 185 -10.06 69.77 7.25
C SER C 185 -11.52 69.80 6.80
N SER C 186 -12.36 70.55 7.53
CA SER C 186 -13.80 70.65 7.27
C SER C 186 -14.16 71.41 5.99
N GLY C 187 -14.82 70.72 5.07
CA GLY C 187 -15.27 71.30 3.82
C GLY C 187 -14.44 70.89 2.61
N VAL C 188 -13.36 70.12 2.83
CA VAL C 188 -12.49 69.65 1.76
C VAL C 188 -13.19 68.59 0.88
N HIS C 189 -12.88 68.57 -0.42
CA HIS C 189 -13.39 67.60 -1.39
C HIS C 189 -12.32 67.33 -2.44
N THR C 190 -11.58 66.21 -2.29
CA THR C 190 -10.54 65.86 -3.25
C THR C 190 -11.05 64.80 -4.21
N PHE C 191 -11.12 65.18 -5.49
CA PHE C 191 -11.61 64.34 -6.59
C PHE C 191 -10.47 63.46 -7.13
N PRO C 192 -10.78 62.23 -7.63
CA PRO C 192 -9.69 61.36 -8.12
C PRO C 192 -9.12 61.76 -9.48
N ALA C 193 -7.84 61.41 -9.70
CA ALA C 193 -7.07 61.73 -10.90
C ALA C 193 -7.64 61.15 -12.20
N VAL C 194 -7.53 61.95 -13.29
CA VAL C 194 -8.01 61.58 -14.63
C VAL C 194 -6.84 61.59 -15.62
N LEU C 195 -6.61 60.46 -16.33
CA LEU C 195 -5.58 60.37 -17.36
C LEU C 195 -6.19 60.56 -18.74
N GLN C 196 -5.73 61.57 -19.49
CA GLN C 196 -6.20 61.79 -20.86
C GLN C 196 -5.29 60.95 -21.78
N SER C 197 -3.96 61.20 -21.67
CA SER C 197 -2.89 60.50 -22.41
C SER C 197 -1.61 60.74 -21.63
N ASP C 198 -1.25 59.78 -20.75
CA ASP C 198 -0.10 59.78 -19.84
C ASP C 198 0.11 61.16 -19.17
N LEU C 199 -1.02 61.83 -18.86
CA LEU C 199 -1.11 63.13 -18.20
C LEU C 199 -2.18 63.03 -17.11
N TYR C 200 -1.89 63.50 -15.91
CA TYR C 200 -2.88 63.40 -14.85
C TYR C 200 -3.47 64.74 -14.46
N THR C 201 -4.77 64.73 -14.09
CA THR C 201 -5.50 65.93 -13.70
C THR C 201 -6.52 65.64 -12.59
N LEU C 202 -6.39 66.36 -11.47
CA LEU C 202 -7.35 66.32 -10.38
C LEU C 202 -7.57 67.70 -9.82
N SER C 203 -8.80 67.98 -9.43
CA SER C 203 -9.19 69.26 -8.86
C SER C 203 -9.71 69.05 -7.45
N SER C 204 -9.56 70.05 -6.58
CA SER C 204 -10.08 69.93 -5.22
C SER C 204 -10.90 71.14 -4.87
N SER C 205 -11.96 70.95 -4.08
CA SER C 205 -12.84 72.03 -3.69
C SER C 205 -13.01 72.15 -2.20
N VAL C 206 -12.98 73.40 -1.69
CA VAL C 206 -13.20 73.69 -0.29
C VAL C 206 -14.34 74.70 -0.14
N THR C 207 -15.20 74.46 0.84
CA THR C 207 -16.36 75.29 1.10
C THR C 207 -16.22 76.00 2.45
N VAL C 208 -15.82 77.28 2.41
CA VAL C 208 -15.61 78.11 3.61
C VAL C 208 -16.67 79.22 3.73
N PRO C 209 -17.00 79.74 4.94
CA PRO C 209 -18.02 80.81 5.02
C PRO C 209 -17.56 82.11 4.37
N SER C 210 -18.50 82.87 3.76
CA SER C 210 -18.21 84.13 3.08
C SER C 210 -17.55 85.19 3.98
N SER C 211 -17.50 84.92 5.30
CA SER C 211 -16.89 85.79 6.32
C SER C 211 -15.37 85.61 6.34
N THR C 212 -14.91 84.35 6.27
CA THR C 212 -13.49 83.98 6.31
C THR C 212 -12.75 84.31 5.01
N TRP C 213 -13.46 84.51 3.89
CA TRP C 213 -12.80 84.85 2.63
C TRP C 213 -13.40 86.11 1.96
N PRO C 214 -12.59 87.03 1.39
CA PRO C 214 -11.12 87.00 1.23
C PRO C 214 -10.31 87.47 2.45
N SER C 215 -10.95 87.54 3.64
CA SER C 215 -10.37 87.95 4.92
C SER C 215 -9.10 87.16 5.29
N GLU C 216 -9.20 85.81 5.25
CA GLU C 216 -8.13 84.87 5.60
C GLU C 216 -7.40 84.34 4.36
N THR C 217 -6.13 83.92 4.57
CA THR C 217 -5.26 83.30 3.56
C THR C 217 -5.74 81.85 3.37
N VAL C 218 -5.86 81.42 2.10
CA VAL C 218 -6.30 80.06 1.70
C VAL C 218 -5.28 79.54 0.70
N THR C 219 -4.50 78.54 1.13
CA THR C 219 -3.44 77.96 0.31
C THR C 219 -3.73 76.49 -0.01
N CYS C 220 -3.75 76.17 -1.32
CA CYS C 220 -3.92 74.82 -1.83
C CYS C 220 -2.52 74.21 -1.80
N ASN C 221 -2.26 73.29 -0.86
CA ASN C 221 -0.94 72.66 -0.74
C ASN C 221 -0.91 71.34 -1.51
N VAL C 222 -0.14 71.31 -2.61
CA VAL C 222 0.00 70.16 -3.50
C VAL C 222 1.37 69.52 -3.28
N ALA C 223 1.41 68.19 -3.19
CA ALA C 223 2.66 67.46 -2.96
C ALA C 223 2.80 66.28 -3.90
N HIS C 224 3.79 66.33 -4.80
CA HIS C 224 4.10 65.24 -5.73
C HIS C 224 5.40 64.59 -5.21
N PRO C 225 5.28 63.41 -4.54
CA PRO C 225 6.46 62.77 -3.96
C PRO C 225 7.42 62.23 -5.00
N ALA C 226 6.83 61.76 -6.12
CA ALA C 226 7.47 61.16 -7.29
C ALA C 226 8.48 62.09 -7.95
N SER C 227 8.17 63.41 -7.98
CA SER C 227 9.02 64.44 -8.57
C SER C 227 9.72 65.31 -7.51
N SER C 228 9.54 64.96 -6.19
CA SER C 228 10.10 65.67 -5.02
C SER C 228 9.67 67.16 -4.97
N THR C 229 8.40 67.41 -5.35
CA THR C 229 7.84 68.76 -5.36
C THR C 229 6.76 68.85 -4.32
N LYS C 230 6.59 70.04 -3.76
CA LYS C 230 5.57 70.41 -2.80
C LYS C 230 5.32 71.90 -3.12
N VAL C 231 4.31 72.12 -3.99
CA VAL C 231 3.92 73.43 -4.53
C VAL C 231 2.75 73.99 -3.72
N ASP C 232 2.81 75.29 -3.40
CA ASP C 232 1.76 75.93 -2.61
C ASP C 232 1.24 77.19 -3.29
N LYS C 233 -0.02 77.12 -3.81
CA LYS C 233 -0.65 78.24 -4.52
C LYS C 233 -1.80 78.89 -3.74
N LYS C 234 -1.60 80.13 -3.26
CA LYS C 234 -2.61 80.88 -2.53
C LYS C 234 -3.71 81.33 -3.48
N ILE C 235 -4.97 81.01 -3.14
CA ILE C 235 -6.16 81.39 -3.90
C ILE C 235 -6.44 82.89 -3.61
N VAL C 236 -6.27 83.73 -4.63
CA VAL C 236 -6.44 85.18 -4.55
C VAL C 236 -7.66 85.62 -5.38
N PRO C 237 -8.50 86.58 -4.91
CA PRO C 237 -9.65 87.02 -5.74
C PRO C 237 -9.17 87.52 -7.10
N ARG C 238 -9.74 86.93 -8.17
CA ARG C 238 -9.42 87.22 -9.56
C ARG C 238 -9.70 88.68 -9.94
N ASP C 239 -8.74 89.30 -10.65
CA ASP C 239 -8.80 90.69 -11.13
C ASP C 239 -7.97 90.83 -12.43
N CYS C 240 -8.65 91.19 -13.54
CA CYS C 240 -8.13 91.39 -14.90
C CYS C 240 -7.39 90.18 -15.45
N ASP D 21 -9.28 28.86 -11.31
CA ASP D 21 -9.35 27.76 -10.36
C ASP D 21 -10.81 27.62 -9.80
N ILE D 22 -11.03 27.63 -8.45
CA ILE D 22 -12.36 27.56 -7.84
C ILE D 22 -12.89 28.98 -7.95
N GLN D 23 -13.46 29.30 -9.12
CA GLN D 23 -13.99 30.62 -9.42
C GLN D 23 -14.99 31.02 -8.37
N MET D 24 -14.82 32.21 -7.82
CA MET D 24 -15.69 32.72 -6.78
C MET D 24 -16.60 33.79 -7.35
N THR D 25 -17.90 33.64 -7.09
CA THR D 25 -18.91 34.52 -7.63
C THR D 25 -19.72 35.17 -6.54
N GLN D 26 -19.88 36.50 -6.65
CA GLN D 26 -20.70 37.27 -5.73
C GLN D 26 -21.82 37.88 -6.49
N THR D 27 -22.99 37.22 -6.40
CA THR D 27 -24.31 37.48 -7.05
C THR D 27 -24.57 38.93 -7.47
N THR D 28 -24.17 39.89 -6.62
CA THR D 28 -24.32 41.33 -6.79
C THR D 28 -22.96 42.02 -6.66
N SER D 29 -22.70 43.04 -7.51
CA SER D 29 -21.43 43.78 -7.49
C SER D 29 -21.56 45.16 -6.84
N SER D 30 -22.79 45.52 -6.41
CA SER D 30 -23.12 46.76 -5.70
C SER D 30 -24.43 46.58 -4.93
N LEU D 31 -24.44 47.06 -3.68
CA LEU D 31 -25.59 46.96 -2.80
C LEU D 31 -25.76 48.26 -2.01
N SER D 32 -26.87 48.97 -2.24
CA SER D 32 -27.18 50.21 -1.55
C SER D 32 -28.12 49.91 -0.40
N ALA D 33 -27.85 50.47 0.79
CA ALA D 33 -28.68 50.20 1.96
C ALA D 33 -28.69 51.35 2.95
N SER D 34 -29.85 51.62 3.57
CA SER D 34 -30.01 52.70 4.56
C SER D 34 -29.55 52.26 5.95
N LEU D 35 -29.04 53.23 6.76
CA LEU D 35 -28.53 53.00 8.12
C LEU D 35 -29.57 52.40 9.04
N GLY D 36 -29.16 51.41 9.84
CA GLY D 36 -30.04 50.72 10.77
C GLY D 36 -30.85 49.62 10.12
N ASP D 37 -30.26 48.94 9.14
CA ASP D 37 -30.87 47.82 8.43
C ASP D 37 -29.84 46.70 8.37
N ARG D 38 -30.30 45.51 7.98
CA ARG D 38 -29.52 44.28 7.84
C ARG D 38 -29.40 43.96 6.34
N VAL D 39 -28.19 43.56 5.92
CA VAL D 39 -27.86 43.21 4.52
C VAL D 39 -27.09 41.91 4.42
N THR D 40 -27.08 41.28 3.23
CA THR D 40 -26.36 40.02 3.01
C THR D 40 -25.59 40.01 1.69
N ILE D 41 -24.35 39.50 1.75
CA ILE D 41 -23.47 39.35 0.60
C ILE D 41 -23.35 37.85 0.35
N SER D 42 -23.79 37.39 -0.81
CA SER D 42 -23.72 35.98 -1.17
C SER D 42 -22.51 35.67 -2.03
N CYS D 43 -21.92 34.48 -1.81
CA CYS D 43 -20.73 33.96 -2.46
C CYS D 43 -20.94 32.46 -2.75
N ARG D 44 -20.96 32.08 -4.04
CA ARG D 44 -21.10 30.69 -4.48
C ARG D 44 -19.75 30.20 -5.01
N ALA D 45 -19.42 28.93 -4.71
CA ALA D 45 -18.13 28.35 -5.10
C ALA D 45 -18.23 27.32 -6.24
N SER D 46 -17.14 27.17 -7.05
CA SER D 46 -17.03 26.20 -8.16
C SER D 46 -17.08 24.74 -7.70
N GLN D 47 -16.81 24.49 -6.40
CA GLN D 47 -16.86 23.18 -5.72
C GLN D 47 -16.90 23.35 -4.20
N ASP D 48 -17.45 22.33 -3.47
CA ASP D 48 -17.53 22.29 -2.00
C ASP D 48 -16.13 22.61 -1.44
N ILE D 49 -16.04 23.69 -0.66
CA ILE D 49 -14.75 24.14 -0.13
C ILE D 49 -14.64 23.95 1.40
N SER D 50 -15.41 22.97 1.94
CA SER D 50 -15.49 22.47 3.32
C SER D 50 -15.26 23.56 4.41
N ASN D 51 -15.90 24.73 4.20
CA ASN D 51 -15.91 25.93 5.05
C ASN D 51 -14.59 26.68 5.08
N TYR D 52 -13.69 26.42 4.12
CA TYR D 52 -12.41 27.12 4.02
C TYR D 52 -12.53 28.44 3.20
N LEU D 53 -13.48 29.32 3.61
CA LEU D 53 -13.70 30.63 2.98
C LEU D 53 -13.71 31.75 4.02
N ASN D 54 -12.96 32.79 3.75
CA ASN D 54 -12.88 33.92 4.63
C ASN D 54 -13.54 35.14 3.95
N TRP D 55 -13.88 36.16 4.73
CA TRP D 55 -14.48 37.41 4.23
C TRP D 55 -13.56 38.60 4.53
N TYR D 56 -13.40 39.50 3.56
CA TYR D 56 -12.52 40.68 3.64
C TYR D 56 -13.23 41.97 3.42
N GLN D 57 -12.72 43.01 4.06
CA GLN D 57 -13.25 44.36 3.90
C GLN D 57 -12.16 45.22 3.37
N GLN D 58 -12.45 46.00 2.32
CA GLN D 58 -11.47 46.96 1.84
C GLN D 58 -12.13 48.31 1.85
N LYS D 59 -11.65 49.20 2.70
CA LYS D 59 -12.22 50.55 2.81
C LYS D 59 -11.71 51.40 1.64
N PRO D 60 -12.49 52.41 1.15
CA PRO D 60 -11.99 53.26 0.05
C PRO D 60 -10.64 53.91 0.36
N ASP D 61 -9.60 53.52 -0.42
CA ASP D 61 -8.18 53.90 -0.32
C ASP D 61 -7.58 53.65 1.09
N GLY D 62 -8.35 52.95 1.89
CA GLY D 62 -7.95 52.50 3.21
C GLY D 62 -7.35 51.10 3.07
N THR D 63 -6.91 50.54 4.20
CA THR D 63 -6.30 49.21 4.25
C THR D 63 -7.37 48.12 3.98
N VAL D 64 -6.92 46.88 3.88
CA VAL D 64 -7.78 45.71 3.72
C VAL D 64 -7.80 45.01 5.11
N LYS D 65 -8.99 44.70 5.60
CA LYS D 65 -9.21 44.08 6.90
C LYS D 65 -9.82 42.71 6.75
N LEU D 66 -9.27 41.71 7.46
CA LEU D 66 -9.86 40.37 7.41
C LEU D 66 -11.02 40.40 8.41
N LEU D 67 -12.23 40.18 7.90
CA LEU D 67 -13.41 40.26 8.73
C LEU D 67 -13.72 38.96 9.39
N ILE D 68 -14.05 37.96 8.61
CA ILE D 68 -14.40 36.62 9.08
C ILE D 68 -13.40 35.64 8.46
N TYR D 69 -13.01 34.62 9.21
CA TYR D 69 -12.13 33.59 8.66
C TYR D 69 -12.79 32.26 8.92
N TYR D 70 -12.51 31.27 8.07
CA TYR D 70 -13.07 29.92 8.14
C TYR D 70 -14.59 29.97 8.36
N THR D 71 -15.29 30.64 7.41
CA THR D 71 -16.75 30.86 7.37
C THR D 71 -17.27 31.70 8.56
N SER D 72 -17.74 31.05 9.64
CA SER D 72 -18.39 31.65 10.80
C SER D 72 -17.55 32.51 11.74
N THR D 73 -16.37 32.04 12.21
CA THR D 73 -15.53 32.70 13.24
C THR D 73 -15.11 34.14 12.96
N LEU D 74 -15.47 35.04 13.89
CA LEU D 74 -15.16 36.46 13.83
C LEU D 74 -13.66 36.69 14.00
N HIS D 75 -13.09 37.65 13.28
CA HIS D 75 -11.69 37.98 13.51
C HIS D 75 -11.56 39.00 14.65
N SER D 76 -10.47 38.86 15.44
CA SER D 76 -10.10 39.66 16.60
C SER D 76 -10.20 41.16 16.34
N GLY D 77 -11.00 41.84 17.15
CA GLY D 77 -11.22 43.27 17.01
C GLY D 77 -12.24 43.64 15.95
N VAL D 78 -12.96 42.65 15.38
CA VAL D 78 -14.02 42.89 14.38
C VAL D 78 -15.35 42.92 15.14
N PRO D 79 -16.22 43.95 14.94
CA PRO D 79 -17.50 44.00 15.67
C PRO D 79 -18.38 42.77 15.48
N SER D 80 -19.32 42.57 16.43
CA SER D 80 -20.28 41.46 16.44
C SER D 80 -21.39 41.58 15.40
N ARG D 81 -21.66 42.81 14.90
CA ARG D 81 -22.70 43.02 13.89
C ARG D 81 -22.42 42.24 12.62
N PHE D 82 -21.12 41.90 12.39
CA PHE D 82 -20.64 41.08 11.27
C PHE D 82 -20.85 39.59 11.54
N SER D 83 -21.68 38.94 10.69
CA SER D 83 -22.04 37.52 10.80
C SER D 83 -21.66 36.71 9.55
N GLY D 84 -20.84 35.68 9.76
CA GLY D 84 -20.39 34.80 8.69
C GLY D 84 -21.12 33.48 8.65
N SER D 85 -22.14 33.36 7.82
CA SER D 85 -22.90 32.12 7.72
C SER D 85 -22.46 31.41 6.44
N GLY D 86 -22.55 30.08 6.45
CA GLY D 86 -22.14 29.31 5.28
C GLY D 86 -22.49 27.85 5.28
N SER D 87 -23.03 27.40 4.13
CA SER D 87 -23.42 26.03 3.82
C SER D 87 -22.12 25.32 3.34
N GLY D 88 -22.24 24.22 2.63
CA GLY D 88 -21.07 23.52 2.10
C GLY D 88 -20.40 24.24 0.94
N THR D 89 -21.22 24.80 0.01
CA THR D 89 -20.77 25.49 -1.21
C THR D 89 -21.34 26.93 -1.35
N ASP D 90 -22.34 27.30 -0.53
CA ASP D 90 -22.98 28.63 -0.60
C ASP D 90 -22.76 29.44 0.69
N TYR D 91 -21.96 30.51 0.60
CA TYR D 91 -21.55 31.33 1.73
C TYR D 91 -22.11 32.73 1.70
N SER D 92 -22.64 33.21 2.84
CA SER D 92 -23.23 34.55 2.89
C SER D 92 -22.89 35.37 4.16
N LEU D 93 -22.14 36.48 3.95
CA LEU D 93 -21.75 37.44 4.98
C LEU D 93 -22.92 38.35 5.24
N THR D 94 -23.18 38.68 6.50
CA THR D 94 -24.30 39.56 6.80
C THR D 94 -23.95 40.64 7.80
N ILE D 95 -24.17 41.90 7.42
CA ILE D 95 -23.93 43.03 8.31
C ILE D 95 -25.29 43.40 8.90
N SER D 96 -25.50 42.99 10.16
CA SER D 96 -26.75 43.15 10.87
C SER D 96 -27.14 44.61 11.17
N ASN D 97 -26.23 45.44 11.74
CA ASN D 97 -26.57 46.84 11.99
C ASN D 97 -25.84 47.72 11.00
N LEU D 98 -26.55 48.60 10.31
CA LEU D 98 -25.86 49.42 9.32
C LEU D 98 -25.30 50.71 9.89
N GLU D 99 -23.97 50.82 9.75
CA GLU D 99 -23.14 51.93 10.20
C GLU D 99 -22.55 52.64 9.00
N GLN D 100 -22.38 53.97 9.09
CA GLN D 100 -21.78 54.78 8.02
C GLN D 100 -20.38 54.30 7.70
N GLU D 101 -19.62 53.88 8.72
CA GLU D 101 -18.25 53.38 8.57
C GLU D 101 -18.16 52.11 7.68
N ASP D 102 -19.27 51.37 7.55
CA ASP D 102 -19.35 50.14 6.75
C ASP D 102 -19.35 50.37 5.21
N VAL D 103 -19.26 51.65 4.75
CA VAL D 103 -19.16 51.91 3.31
C VAL D 103 -17.77 51.46 2.88
N ALA D 104 -17.74 50.28 2.24
CA ALA D 104 -16.53 49.59 1.78
C ALA D 104 -16.93 48.42 0.91
N THR D 105 -15.97 47.88 0.15
CA THR D 105 -16.18 46.70 -0.70
C THR D 105 -15.82 45.46 0.11
N TYR D 106 -16.66 44.41 -0.01
CA TYR D 106 -16.45 43.14 0.71
C TYR D 106 -16.13 42.01 -0.24
N PHE D 107 -15.14 41.19 0.12
CA PHE D 107 -14.70 40.08 -0.74
C PHE D 107 -14.69 38.76 -0.04
N CYS D 108 -15.13 37.72 -0.72
CA CYS D 108 -15.00 36.39 -0.15
C CYS D 108 -13.70 35.82 -0.79
N GLN D 109 -13.19 34.69 -0.29
CA GLN D 109 -11.96 34.06 -0.78
C GLN D 109 -11.87 32.64 -0.27
N GLN D 110 -11.44 31.68 -1.13
CA GLN D 110 -11.28 30.27 -0.69
C GLN D 110 -9.81 29.95 -0.36
N GLY D 111 -9.60 29.06 0.60
CA GLY D 111 -8.28 28.59 1.02
C GLY D 111 -8.17 27.09 0.98
N TYR D 112 -9.23 26.44 0.45
CA TYR D 112 -9.37 25.00 0.32
C TYR D 112 -8.29 24.39 -0.57
N THR D 113 -8.10 24.92 -1.81
CA THR D 113 -7.04 24.46 -2.72
C THR D 113 -6.10 25.64 -3.00
N LEU D 114 -4.81 25.32 -3.25
CA LEU D 114 -3.70 26.27 -3.30
C LEU D 114 -3.87 27.50 -4.20
N PRO D 115 -4.32 27.54 -5.47
CA PRO D 115 -4.49 28.86 -6.09
C PRO D 115 -5.72 29.50 -5.40
N TRP D 116 -5.47 30.31 -4.33
CA TRP D 116 -6.52 30.93 -3.52
C TRP D 116 -7.17 31.96 -4.40
N THR D 117 -8.49 31.90 -4.52
CA THR D 117 -9.18 32.81 -5.42
C THR D 117 -9.96 33.88 -4.66
N PHE D 118 -9.84 35.14 -5.09
CA PHE D 118 -10.59 36.26 -4.52
C PHE D 118 -11.80 36.52 -5.43
N GLY D 119 -12.98 36.55 -4.84
CA GLY D 119 -14.22 36.85 -5.55
C GLY D 119 -14.25 38.25 -6.14
N GLY D 120 -15.32 38.50 -6.90
CA GLY D 120 -15.57 39.77 -7.59
C GLY D 120 -15.74 40.95 -6.66
N GLY D 121 -16.46 40.72 -5.56
CA GLY D 121 -16.71 41.74 -4.55
C GLY D 121 -18.04 42.44 -4.67
N THR D 122 -18.46 43.07 -3.58
CA THR D 122 -19.72 43.79 -3.51
C THR D 122 -19.49 45.10 -2.77
N LYS D 123 -19.64 46.20 -3.49
CA LYS D 123 -19.48 47.54 -2.91
C LYS D 123 -20.76 47.83 -2.17
N LEU D 124 -20.64 48.28 -0.92
CA LEU D 124 -21.77 48.59 -0.06
C LEU D 124 -21.97 50.11 0.06
N GLU D 125 -22.97 50.65 -0.66
CA GLU D 125 -23.30 52.06 -0.62
C GLU D 125 -24.38 52.31 0.44
N ILE D 126 -24.50 53.57 0.90
CA ILE D 126 -25.48 53.99 1.90
C ILE D 126 -26.66 54.74 1.26
N LYS D 127 -27.91 54.30 1.58
CA LYS D 127 -29.13 54.95 1.13
C LYS D 127 -29.44 56.10 2.09
N ARG D 128 -29.75 57.28 1.53
CA ARG D 128 -30.07 58.48 2.32
C ARG D 128 -30.97 59.45 1.51
N ALA D 129 -31.50 60.51 2.16
CA ALA D 129 -32.37 61.54 1.57
C ALA D 129 -31.72 62.18 0.35
N ASP D 130 -32.51 62.39 -0.71
CA ASP D 130 -32.03 62.98 -1.97
C ASP D 130 -31.63 64.46 -1.82
N ALA D 131 -30.31 64.72 -1.89
CA ALA D 131 -29.74 66.06 -1.77
C ALA D 131 -29.42 66.68 -3.12
N ALA D 132 -29.74 67.97 -3.25
CA ALA D 132 -29.48 68.74 -4.47
C ALA D 132 -28.03 69.21 -4.49
N PRO D 133 -27.35 69.21 -5.66
CA PRO D 133 -25.93 69.59 -5.67
C PRO D 133 -25.64 71.09 -5.45
N THR D 134 -24.41 71.38 -5.01
CA THR D 134 -23.90 72.72 -4.78
C THR D 134 -23.05 73.04 -6.01
N VAL D 135 -23.71 73.43 -7.09
CA VAL D 135 -23.07 73.69 -8.38
C VAL D 135 -22.31 75.03 -8.39
N SER D 136 -20.99 74.95 -8.61
CA SER D 136 -20.07 76.10 -8.69
C SER D 136 -19.20 75.98 -9.93
N ILE D 137 -19.20 77.03 -10.77
CA ILE D 137 -18.42 77.10 -11.99
C ILE D 137 -17.22 78.02 -11.80
N PHE D 138 -16.04 77.59 -12.27
CA PHE D 138 -14.81 78.33 -12.16
C PHE D 138 -14.15 78.65 -13.50
N PRO D 139 -13.80 79.94 -13.73
CA PRO D 139 -13.16 80.30 -15.00
C PRO D 139 -11.69 79.90 -15.03
N PRO D 140 -11.09 79.69 -16.23
CA PRO D 140 -9.65 79.35 -16.30
C PRO D 140 -8.77 80.47 -15.72
N SER D 141 -7.87 80.08 -14.79
CA SER D 141 -6.95 81.00 -14.11
C SER D 141 -5.97 81.64 -15.07
N SER D 142 -5.64 82.92 -14.82
CA SER D 142 -4.67 83.66 -15.64
C SER D 142 -3.25 83.05 -15.56
N GLU D 143 -3.07 82.01 -14.72
CA GLU D 143 -1.84 81.25 -14.57
C GLU D 143 -1.76 80.22 -15.69
N GLN D 144 -2.85 79.43 -15.87
CA GLN D 144 -2.99 78.39 -16.90
C GLN D 144 -3.01 78.95 -18.30
N LEU D 145 -3.53 80.19 -18.45
CA LEU D 145 -3.66 80.88 -19.74
C LEU D 145 -2.32 81.25 -20.37
N THR D 146 -1.24 81.28 -19.56
CA THR D 146 0.09 81.58 -20.07
C THR D 146 0.69 80.33 -20.75
N SER D 147 0.32 79.13 -20.25
CA SER D 147 0.75 77.81 -20.73
C SER D 147 0.05 77.38 -22.04
N GLY D 148 -0.51 78.36 -22.77
CA GLY D 148 -1.22 78.19 -24.04
C GLY D 148 -2.45 77.31 -23.95
N GLY D 149 -3.03 77.22 -22.76
CA GLY D 149 -4.20 76.41 -22.47
C GLY D 149 -5.24 77.06 -21.58
N ALA D 150 -6.45 76.48 -21.57
CA ALA D 150 -7.59 76.94 -20.77
C ALA D 150 -8.41 75.77 -20.25
N SER D 151 -8.93 75.87 -19.01
CA SER D 151 -9.75 74.83 -18.41
C SER D 151 -10.89 75.37 -17.56
N VAL D 152 -12.12 74.96 -17.89
CA VAL D 152 -13.34 75.34 -17.18
C VAL D 152 -13.69 74.21 -16.23
N VAL D 153 -13.93 74.54 -14.96
CA VAL D 153 -14.26 73.56 -13.93
C VAL D 153 -15.62 73.81 -13.33
N CYS D 154 -16.46 72.78 -13.31
CA CYS D 154 -17.79 72.85 -12.74
C CYS D 154 -17.89 71.76 -11.70
N PHE D 155 -18.29 72.13 -10.48
CA PHE D 155 -18.41 71.18 -9.39
C PHE D 155 -19.86 71.00 -8.92
N LEU D 156 -20.13 69.87 -8.21
CA LEU D 156 -21.42 69.51 -7.61
C LEU D 156 -21.09 68.93 -6.23
N ASN D 157 -20.60 69.81 -5.34
CA ASN D 157 -20.08 69.57 -3.99
C ASN D 157 -20.85 68.55 -3.10
N ASN D 158 -22.19 68.72 -2.91
CA ASN D 158 -22.95 67.82 -2.05
C ASN D 158 -24.29 67.37 -2.63
N PHE D 159 -24.38 66.10 -3.07
CA PHE D 159 -25.59 65.52 -3.65
C PHE D 159 -25.73 64.01 -3.42
N TYR D 160 -26.91 63.45 -3.77
CA TYR D 160 -27.29 62.02 -3.69
C TYR D 160 -28.58 61.82 -4.51
N PRO D 161 -28.73 60.75 -5.33
CA PRO D 161 -27.83 59.59 -5.55
C PRO D 161 -26.63 59.85 -6.47
N LYS D 162 -25.88 58.77 -6.79
CA LYS D 162 -24.65 58.72 -7.59
C LYS D 162 -24.74 59.32 -9.01
N ASP D 163 -25.75 58.94 -9.82
CA ASP D 163 -25.87 59.40 -11.21
C ASP D 163 -26.42 60.84 -11.38
N VAL D 164 -25.72 61.65 -12.20
CA VAL D 164 -26.06 63.02 -12.57
C VAL D 164 -25.51 63.33 -13.98
N ASN D 165 -26.41 63.47 -14.96
CA ASN D 165 -26.06 63.73 -16.36
C ASN D 165 -25.84 65.21 -16.64
N VAL D 166 -24.56 65.63 -16.61
CA VAL D 166 -24.17 67.03 -16.85
C VAL D 166 -24.23 67.40 -18.33
N LYS D 167 -24.55 68.68 -18.59
CA LYS D 167 -24.64 69.27 -19.91
C LYS D 167 -24.35 70.76 -19.77
N TRP D 168 -23.31 71.24 -20.46
CA TRP D 168 -22.92 72.66 -20.41
C TRP D 168 -22.86 73.33 -21.77
N LYS D 169 -23.31 74.59 -21.83
CA LYS D 169 -23.35 75.38 -23.06
C LYS D 169 -22.55 76.67 -22.97
N ILE D 170 -21.88 77.01 -24.08
CA ILE D 170 -21.09 78.23 -24.26
C ILE D 170 -21.80 79.02 -25.35
N ASP D 171 -22.59 80.03 -24.94
CA ASP D 171 -23.44 80.90 -25.79
C ASP D 171 -24.66 80.12 -26.35
N GLY D 172 -24.94 78.95 -25.78
CA GLY D 172 -26.04 78.08 -26.19
C GLY D 172 -25.62 76.80 -26.89
N SER D 173 -24.46 76.83 -27.59
CA SER D 173 -23.90 75.70 -28.34
C SER D 173 -23.57 74.49 -27.47
N GLU D 174 -23.79 73.29 -28.01
CA GLU D 174 -23.54 72.03 -27.30
C GLU D 174 -22.08 71.59 -27.48
N ARG D 175 -21.37 71.35 -26.37
CA ARG D 175 -19.98 70.92 -26.37
C ARG D 175 -19.81 69.55 -25.70
N GLN D 176 -19.70 68.50 -26.52
CA GLN D 176 -19.52 67.11 -26.07
C GLN D 176 -18.06 66.66 -26.14
N SER D 177 -17.27 67.27 -27.05
CA SER D 177 -15.85 66.96 -27.27
C SER D 177 -14.95 67.55 -26.17
N GLY D 178 -13.96 66.77 -25.77
CA GLY D 178 -12.96 67.13 -24.76
C GLY D 178 -13.48 67.38 -23.37
N VAL D 179 -14.56 66.67 -22.99
CA VAL D 179 -15.18 66.80 -21.65
C VAL D 179 -14.79 65.58 -20.83
N LEU D 180 -14.17 65.80 -19.67
CA LEU D 180 -13.75 64.71 -18.78
C LEU D 180 -14.22 64.94 -17.34
N ASN D 181 -15.04 63.99 -16.84
CA ASN D 181 -15.67 64.01 -15.50
C ASN D 181 -14.95 63.11 -14.50
N SER D 182 -15.18 63.35 -13.19
CA SER D 182 -14.60 62.60 -12.09
C SER D 182 -15.52 62.63 -10.86
N TRP D 183 -15.80 61.45 -10.26
CA TRP D 183 -16.67 61.29 -9.10
C TRP D 183 -15.90 60.80 -7.86
N THR D 184 -16.22 61.34 -6.67
CA THR D 184 -15.63 60.92 -5.39
C THR D 184 -16.47 59.79 -4.82
N ASP D 185 -15.94 59.04 -3.84
CA ASP D 185 -16.71 57.97 -3.19
C ASP D 185 -17.64 58.60 -2.14
N GLN D 186 -18.62 57.83 -1.67
CA GLN D 186 -19.57 58.25 -0.65
C GLN D 186 -18.86 58.31 0.70
N ASP D 187 -18.65 59.54 1.21
CA ASP D 187 -17.97 59.74 2.49
C ASP D 187 -18.71 59.13 3.66
N SER D 188 -17.97 58.61 4.65
CA SER D 188 -18.59 58.04 5.84
C SER D 188 -18.67 59.13 6.94
N LYS D 189 -18.93 60.38 6.50
CA LYS D 189 -19.07 61.56 7.36
C LYS D 189 -20.47 62.16 7.28
N ASP D 190 -21.01 62.32 6.05
CA ASP D 190 -22.34 62.89 5.80
C ASP D 190 -23.15 62.07 4.80
N SER D 191 -22.53 60.99 4.25
CA SER D 191 -23.10 60.06 3.28
C SER D 191 -23.64 60.78 2.02
N THR D 192 -22.73 61.46 1.31
CA THR D 192 -23.03 62.19 0.10
C THR D 192 -22.01 61.87 -1.01
N TYR D 193 -22.34 62.26 -2.26
CA TYR D 193 -21.50 62.10 -3.45
C TYR D 193 -21.12 63.48 -4.02
N SER D 194 -19.96 63.57 -4.71
CA SER D 194 -19.46 64.80 -5.33
C SER D 194 -18.86 64.53 -6.71
N MET D 195 -19.06 65.46 -7.67
CA MET D 195 -18.59 65.32 -9.04
C MET D 195 -17.88 66.57 -9.58
N SER D 196 -16.81 66.35 -10.35
CA SER D 196 -16.00 67.40 -10.98
C SER D 196 -15.94 67.20 -12.48
N SER D 197 -16.31 68.23 -13.26
CA SER D 197 -16.24 68.18 -14.71
C SER D 197 -15.26 69.25 -15.21
N THR D 198 -14.37 68.84 -16.12
CA THR D 198 -13.33 69.71 -16.69
C THR D 198 -13.44 69.80 -18.21
N LEU D 199 -13.69 71.01 -18.71
CA LEU D 199 -13.79 71.35 -20.13
C LEU D 199 -12.47 72.02 -20.50
N THR D 200 -11.56 71.27 -21.13
CA THR D 200 -10.25 71.78 -21.52
C THR D 200 -10.25 72.24 -22.97
N LEU D 201 -9.82 73.49 -23.21
CA LEU D 201 -9.75 74.13 -24.53
C LEU D 201 -8.41 74.84 -24.73
N THR D 202 -8.03 75.08 -26.00
CA THR D 202 -6.80 75.82 -26.32
C THR D 202 -7.07 77.31 -26.10
N LYS D 203 -6.05 78.03 -25.60
CA LYS D 203 -6.10 79.46 -25.31
C LYS D 203 -6.96 80.28 -26.27
N ASP D 204 -6.70 80.13 -27.59
CA ASP D 204 -7.40 80.81 -28.69
C ASP D 204 -8.90 80.50 -28.73
N GLU D 205 -9.27 79.21 -28.57
CA GLU D 205 -10.65 78.75 -28.59
C GLU D 205 -11.50 79.36 -27.46
N TYR D 206 -10.91 79.47 -26.26
CA TYR D 206 -11.55 80.06 -25.08
C TYR D 206 -11.58 81.60 -25.19
N GLU D 207 -10.65 82.18 -25.95
CA GLU D 207 -10.57 83.63 -26.18
C GLU D 207 -11.56 84.05 -27.28
N ARG D 208 -11.90 83.12 -28.19
CA ARG D 208 -12.85 83.35 -29.29
C ARG D 208 -14.29 83.37 -28.73
N HIS D 209 -14.65 82.33 -27.96
CA HIS D 209 -15.96 82.20 -27.31
C HIS D 209 -15.99 82.99 -26.01
N ASN D 210 -17.17 83.49 -25.63
CA ASN D 210 -17.40 84.25 -24.39
C ASN D 210 -18.63 83.64 -23.66
N SER D 211 -18.91 84.09 -22.42
CA SER D 211 -20.08 83.68 -21.60
C SER D 211 -20.26 82.13 -21.45
N TYR D 212 -19.26 81.44 -20.85
CA TYR D 212 -19.29 79.99 -20.61
C TYR D 212 -20.17 79.66 -19.40
N THR D 213 -21.00 78.59 -19.49
CA THR D 213 -21.94 78.22 -18.42
C THR D 213 -22.16 76.69 -18.30
N CYS D 214 -22.40 76.17 -17.05
CA CYS D 214 -22.68 74.75 -16.78
C CYS D 214 -24.03 74.53 -16.12
N GLU D 215 -24.81 73.58 -16.67
CA GLU D 215 -26.14 73.18 -16.17
C GLU D 215 -26.11 71.70 -15.71
N ALA D 216 -26.98 71.35 -14.73
CA ALA D 216 -27.03 69.99 -14.17
C ALA D 216 -28.46 69.48 -13.92
N THR D 217 -28.73 68.22 -14.31
CA THR D 217 -30.02 67.54 -14.15
C THR D 217 -29.93 66.37 -13.16
N HIS D 218 -30.70 66.45 -12.06
CA HIS D 218 -30.71 65.42 -11.00
C HIS D 218 -32.12 65.07 -10.52
N LYS D 219 -32.37 63.78 -10.25
CA LYS D 219 -33.65 63.26 -9.80
C LYS D 219 -33.95 63.69 -8.35
N SER D 223 -37.27 71.65 -11.74
CA SER D 223 -36.42 72.47 -12.60
C SER D 223 -34.93 72.06 -12.51
N PRO D 224 -34.16 72.08 -13.63
CA PRO D 224 -32.73 71.71 -13.54
C PRO D 224 -31.90 72.82 -12.91
N ILE D 225 -30.84 72.46 -12.18
CA ILE D 225 -29.96 73.43 -11.52
C ILE D 225 -28.99 74.00 -12.56
N VAL D 226 -29.13 75.31 -12.85
CA VAL D 226 -28.33 76.03 -13.86
C VAL D 226 -27.40 77.05 -13.20
N THR D 227 -26.09 76.97 -13.50
CA THR D 227 -25.05 77.87 -13.00
C THR D 227 -24.46 78.70 -14.15
N SER D 228 -23.96 79.92 -13.85
CA SER D 228 -23.43 80.82 -14.87
C SER D 228 -22.07 81.46 -14.57
N PHE D 229 -21.26 81.72 -15.63
CA PHE D 229 -19.93 82.34 -15.54
C PHE D 229 -19.61 83.17 -16.80
N ASN D 230 -20.39 84.25 -17.02
CA ASN D 230 -20.25 85.17 -18.16
C ASN D 230 -18.86 85.80 -18.22
N ARG D 231 -18.35 86.06 -19.45
CA ARG D 231 -17.04 86.70 -19.66
C ARG D 231 -17.13 88.17 -19.25
N ASN D 232 -17.02 88.41 -17.94
CA ASN D 232 -17.14 89.70 -17.28
C ASN D 232 -15.78 90.30 -16.97
N GLU D 233 -15.64 91.61 -17.21
CA GLU D 233 -14.41 92.38 -16.97
C GLU D 233 -14.22 92.61 -15.47
N CYS D 234 -12.96 92.59 -15.00
CA CYS D 234 -12.62 92.81 -13.58
C CYS D 234 -11.27 93.52 -13.42
N GLY E 3 9.26 -19.47 -1.99
CA GLY E 3 8.80 -18.75 -0.80
C GLY E 3 8.78 -19.57 0.48
N ALA E 4 8.37 -18.96 1.61
CA ALA E 4 8.30 -19.65 2.90
C ALA E 4 6.85 -19.88 3.31
N SER E 5 6.48 -21.15 3.57
CA SER E 5 5.12 -21.56 3.92
C SER E 5 5.13 -22.39 5.20
N LEU E 6 4.64 -21.79 6.29
CA LEU E 6 4.64 -22.39 7.63
C LEU E 6 3.26 -22.74 8.19
N ASP E 7 3.24 -23.75 9.08
CA ASP E 7 2.04 -24.27 9.75
C ASP E 7 2.37 -24.71 11.15
N GLY E 8 1.70 -24.07 12.10
CA GLY E 8 1.90 -24.29 13.52
C GLY E 8 0.61 -24.41 14.30
N ARG E 9 0.74 -24.51 15.62
CA ARG E 9 -0.35 -24.67 16.58
C ARG E 9 -0.42 -23.45 17.52
N PRO E 10 -1.57 -23.13 18.18
CA PRO E 10 -1.57 -22.04 19.15
C PRO E 10 -0.74 -22.44 20.37
N GLY E 11 0.03 -21.51 20.91
CA GLY E 11 0.88 -21.78 22.05
C GLY E 11 2.29 -22.19 21.69
N ASP E 12 2.56 -22.36 20.39
CA ASP E 12 3.91 -22.66 19.89
C ASP E 12 4.56 -21.28 19.60
N ARG E 13 5.83 -21.30 19.18
CA ARG E 13 6.59 -20.10 18.80
C ARG E 13 7.40 -20.38 17.55
N VAL E 14 7.32 -19.47 16.57
CA VAL E 14 8.07 -19.66 15.33
C VAL E 14 8.91 -18.43 14.98
N ASP E 15 10.22 -18.65 14.85
CA ASP E 15 11.19 -17.61 14.47
C ASP E 15 11.11 -17.46 12.95
N LEU E 16 10.85 -16.23 12.46
CA LEU E 16 10.70 -15.96 11.03
C LEU E 16 11.52 -14.74 10.56
N SER E 17 12.23 -14.86 9.40
CA SER E 17 13.08 -13.78 8.89
C SER E 17 12.84 -13.40 7.41
N CYS E 18 13.84 -12.70 6.82
CA CYS E 18 13.82 -12.24 5.44
C CYS E 18 15.20 -12.46 4.77
N GLY E 19 15.39 -11.80 3.62
CA GLY E 19 16.60 -11.74 2.82
C GLY E 19 16.73 -10.34 2.26
N GLY E 20 16.15 -9.36 2.99
CA GLY E 20 16.09 -7.92 2.69
C GLY E 20 17.38 -7.23 2.30
N VAL E 21 17.27 -6.20 1.40
CA VAL E 21 18.35 -5.41 0.78
C VAL E 21 19.54 -5.11 1.70
N ARG E 26 16.64 -2.46 7.86
CA ARG E 26 16.04 -1.18 7.50
C ARG E 26 14.73 -1.43 6.72
N TRP E 27 13.88 -2.28 7.27
CA TRP E 27 12.66 -2.65 6.59
C TRP E 27 11.45 -2.46 7.51
N VAL E 28 10.33 -3.10 7.15
CA VAL E 28 9.08 -3.08 7.89
C VAL E 28 8.32 -4.42 7.70
N TRP E 29 8.00 -5.11 8.79
CA TRP E 29 7.18 -6.33 8.70
C TRP E 29 5.71 -5.87 8.52
N ALA E 30 4.98 -6.42 7.51
CA ALA E 30 3.62 -5.95 7.21
C ALA E 30 2.56 -7.06 6.90
N PRO E 31 2.05 -7.86 7.86
CA PRO E 31 1.05 -8.89 7.52
C PRO E 31 -0.42 -8.51 7.36
N SER E 32 -1.14 -9.40 6.65
CA SER E 32 -2.58 -9.40 6.39
C SER E 32 -3.08 -10.73 6.90
N PHE E 33 -4.17 -10.75 7.69
CA PHE E 33 -4.66 -12.00 8.28
C PHE E 33 -6.07 -12.42 7.85
N PRO E 34 -6.33 -13.70 7.50
CA PRO E 34 -7.71 -14.11 7.17
C PRO E 34 -8.51 -14.35 8.46
N ALA E 35 -8.83 -13.22 9.12
CA ALA E 35 -9.56 -13.04 10.38
C ALA E 35 -9.95 -11.55 10.55
N CYS E 36 -10.69 -11.25 11.62
CA CYS E 36 -11.09 -9.90 11.96
C CYS E 36 -11.42 -9.81 13.45
N LYS E 37 -10.46 -10.20 14.30
CA LYS E 37 -10.59 -10.07 15.76
C LYS E 37 -10.36 -8.58 16.08
N GLY E 38 -11.44 -7.80 15.92
CA GLY E 38 -11.46 -6.34 16.10
C GLY E 38 -10.87 -5.55 14.95
N LEU E 39 -10.10 -6.25 14.08
CA LEU E 39 -9.38 -5.77 12.89
C LEU E 39 -10.27 -5.66 11.65
N SER E 40 -9.65 -5.39 10.48
CA SER E 40 -10.32 -5.27 9.18
C SER E 40 -9.39 -5.75 8.05
N LYS E 41 -9.98 -5.96 6.86
CA LYS E 41 -9.33 -6.43 5.64
C LYS E 41 -8.14 -5.55 5.20
N GLY E 42 -7.01 -6.19 4.91
CA GLY E 42 -5.80 -5.50 4.44
C GLY E 42 -4.53 -5.66 5.27
N ARG E 43 -3.37 -5.47 4.60
CA ARG E 43 -2.02 -5.55 5.15
C ARG E 43 -1.80 -4.44 6.19
N ARG E 44 -1.51 -4.87 7.44
CA ARG E 44 -1.26 -4.00 8.59
C ARG E 44 0.20 -4.10 9.05
N PRO E 45 1.06 -3.07 8.85
CA PRO E 45 2.48 -3.19 9.30
C PRO E 45 2.59 -3.38 10.81
N ILE E 46 3.30 -4.41 11.30
CA ILE E 46 3.32 -4.65 12.76
C ILE E 46 4.66 -4.27 13.47
N LEU E 47 5.78 -4.29 12.74
CA LEU E 47 7.10 -3.96 13.27
C LEU E 47 7.92 -3.24 12.24
N TRP E 48 8.64 -2.19 12.65
CA TRP E 48 9.51 -1.39 11.79
C TRP E 48 10.83 -1.05 12.52
N ALA E 49 11.93 -1.04 11.72
CA ALA E 49 13.37 -0.91 12.06
C ALA E 49 13.77 0.11 13.12
N ALA E 50 13.62 1.45 12.87
CA ALA E 50 14.08 2.54 13.75
C ALA E 50 15.61 2.37 14.17
N ALA E 51 15.97 2.47 15.51
CA ALA E 51 17.32 2.25 16.13
C ALA E 51 17.35 0.94 17.03
N ALA E 52 16.14 0.42 17.42
CA ALA E 52 15.85 -0.79 18.23
C ALA E 52 14.32 -1.18 18.05
N GLY E 53 14.02 -2.04 17.06
CA GLY E 53 12.66 -2.43 16.70
C GLY E 53 11.79 -3.01 17.79
N ALA E 54 10.57 -2.44 18.00
CA ALA E 54 9.57 -2.91 18.98
C ALA E 54 8.10 -2.87 18.40
N PRO E 55 7.11 -3.65 18.94
CA PRO E 55 5.77 -3.69 18.29
C PRO E 55 4.87 -2.49 18.59
N THR E 56 4.92 -2.05 19.83
CA THR E 56 4.27 -0.90 20.42
C THR E 56 2.76 -1.27 20.71
N VAL E 57 1.68 -0.75 20.08
CA VAL E 57 0.38 -1.14 20.69
C VAL E 57 -0.57 -2.10 19.87
N PRO E 58 -0.75 -2.13 18.52
CA PRO E 58 -1.65 -3.15 17.96
C PRO E 58 -1.27 -4.63 18.33
N PRO E 59 -0.16 -5.33 17.90
CA PRO E 59 0.13 -6.73 18.38
C PRO E 59 1.18 -6.83 19.53
N LEU E 60 1.04 -7.80 20.50
CA LEU E 60 1.93 -7.82 21.69
C LEU E 60 2.63 -9.17 22.11
N GLN E 61 2.64 -10.15 21.19
CA GLN E 61 3.25 -11.47 21.31
C GLN E 61 4.59 -11.62 20.49
N PRO E 62 4.96 -10.76 19.49
CA PRO E 62 6.27 -10.94 18.84
C PRO E 62 7.41 -10.15 19.49
N PHE E 63 8.56 -10.80 19.65
CA PHE E 63 9.75 -10.16 20.19
C PHE E 63 10.66 -9.95 18.98
N VAL E 64 11.96 -9.89 19.20
CA VAL E 64 12.96 -9.74 18.14
C VAL E 64 14.30 -10.32 18.61
N GLY E 65 14.75 -11.39 17.93
CA GLY E 65 16.01 -12.07 18.19
C GLY E 65 17.17 -11.10 18.41
N ARG E 66 17.34 -10.12 17.49
CA ARG E 66 18.35 -9.04 17.48
C ARG E 66 19.79 -9.51 17.68
N ILE E 74 19.50 -8.73 7.45
CA ILE E 74 18.04 -8.92 7.64
C ILE E 74 17.66 -8.96 9.16
N ARG E 75 16.36 -9.19 9.51
CA ARG E 75 15.86 -9.21 10.89
C ARG E 75 15.11 -10.50 11.21
N ARG E 76 15.29 -11.06 12.42
CA ARG E 76 14.65 -12.30 12.88
C ARG E 76 13.74 -12.01 14.08
N LEU E 77 12.48 -12.52 14.05
CA LEU E 77 11.47 -12.32 15.11
C LEU E 77 10.99 -13.61 15.73
N GLU E 78 10.51 -13.58 16.99
CA GLU E 78 9.91 -14.72 17.69
C GLU E 78 8.40 -14.45 17.75
N LEU E 79 7.55 -15.38 17.35
CA LEU E 79 6.13 -15.07 17.43
C LEU E 79 5.30 -16.16 18.16
N LEU E 80 4.57 -15.74 19.21
CA LEU E 80 3.70 -16.64 19.96
C LEU E 80 2.36 -16.71 19.24
N LEU E 81 2.08 -17.87 18.65
CA LEU E 81 0.97 -18.12 17.73
C LEU E 81 -0.43 -17.71 18.19
N SER E 82 -0.87 -18.05 19.41
CA SER E 82 -2.23 -17.72 19.89
C SER E 82 -3.35 -18.22 18.93
N ALA E 83 -4.47 -17.51 18.82
CA ALA E 83 -5.51 -17.95 17.90
C ALA E 83 -5.92 -16.80 17.01
N GLY E 84 -5.59 -16.90 15.73
CA GLY E 84 -5.92 -15.85 14.76
C GLY E 84 -4.75 -15.14 14.10
N ASP E 85 -3.51 -15.55 14.46
CA ASP E 85 -2.29 -15.03 13.84
C ASP E 85 -2.06 -15.63 12.46
N SER E 86 -3.00 -16.50 12.00
CA SER E 86 -3.04 -17.11 10.69
C SER E 86 -3.10 -15.96 9.72
N GLY E 87 -2.16 -15.97 8.79
CA GLY E 87 -1.98 -14.93 7.80
C GLY E 87 -0.61 -14.96 7.15
N THR E 88 -0.46 -14.15 6.11
CA THR E 88 0.77 -14.02 5.36
C THR E 88 1.55 -12.88 5.97
N PHE E 89 2.79 -13.13 6.36
CA PHE E 89 3.68 -12.14 6.95
C PHE E 89 4.67 -11.65 5.92
N PHE E 90 4.63 -10.37 5.62
CA PHE E 90 5.53 -9.82 4.63
C PHE E 90 6.71 -9.18 5.30
N CYS E 91 7.82 -9.05 4.59
CA CYS E 91 8.99 -8.36 5.11
C CYS E 91 9.45 -7.33 4.07
N LYS E 92 8.55 -6.34 3.76
CA LYS E 92 8.74 -5.26 2.79
C LYS E 92 9.98 -4.39 3.09
N GLY E 93 10.96 -4.47 2.20
CA GLY E 93 12.21 -3.72 2.30
C GLY E 93 12.21 -2.45 1.49
N ARG E 94 13.23 -2.26 0.65
CA ARG E 94 13.34 -1.07 -0.17
C ARG E 94 12.98 -1.38 -1.60
N HIS E 95 12.18 -0.49 -2.24
CA HIS E 95 11.72 -0.57 -3.63
C HIS E 95 11.08 -1.93 -3.95
N GLU E 96 10.01 -2.30 -3.21
CA GLU E 96 9.27 -3.57 -3.36
C GLU E 96 10.15 -4.82 -3.16
N ASP E 97 11.14 -4.75 -2.25
CA ASP E 97 12.04 -5.84 -1.91
C ASP E 97 11.36 -6.65 -0.79
N GLU E 98 10.24 -7.30 -1.14
CA GLU E 98 9.43 -8.08 -0.23
C GLU E 98 10.06 -9.43 0.14
N SER E 99 9.53 -10.09 1.18
CA SER E 99 9.92 -11.41 1.67
C SER E 99 8.80 -12.03 2.48
N ARG E 100 7.76 -12.50 1.78
CA ARG E 100 6.57 -13.13 2.34
C ARG E 100 6.84 -14.48 3.00
N THR E 101 6.08 -14.76 4.09
CA THR E 101 6.08 -15.98 4.89
C THR E 101 4.62 -16.33 5.18
N VAL E 102 4.16 -17.53 4.79
CA VAL E 102 2.80 -17.98 5.03
C VAL E 102 2.75 -18.59 6.40
N LEU E 103 1.68 -18.32 7.16
CA LEU E 103 1.47 -18.87 8.49
C LEU E 103 0.04 -19.33 8.66
N HIS E 104 -0.11 -20.56 9.20
CA HIS E 104 -1.40 -21.20 9.45
C HIS E 104 -1.41 -21.89 10.80
N VAL E 105 -2.33 -21.46 11.69
CA VAL E 105 -2.46 -22.05 13.03
C VAL E 105 -3.65 -23.02 12.98
N LEU E 106 -3.55 -24.19 13.64
CA LEU E 106 -4.65 -25.18 13.57
C LEU E 106 -5.93 -24.69 14.28
N GLY E 107 -7.00 -24.43 13.50
CA GLY E 107 -8.27 -23.94 14.04
C GLY E 107 -9.02 -22.84 13.29
N ASP E 108 -10.36 -22.97 13.30
CA ASP E 108 -11.32 -22.07 12.66
C ASP E 108 -12.33 -21.48 13.67
N ARG E 109 -11.98 -20.27 14.21
CA ARG E 109 -12.81 -19.49 15.12
C ARG E 109 -13.70 -18.62 14.25
N THR E 110 -14.94 -19.08 14.04
CA THR E 110 -15.96 -18.47 13.18
C THR E 110 -17.29 -18.16 13.93
N TYR E 111 -17.26 -18.20 15.28
CA TYR E 111 -18.43 -17.93 16.13
C TYR E 111 -18.48 -16.47 16.57
N CYS E 112 -19.63 -15.79 16.34
CA CYS E 112 -19.85 -14.39 16.70
C CYS E 112 -20.38 -14.28 18.13
N PRO F 2 -10.20 18.12 -9.88
CA PRO F 2 -10.32 18.74 -8.54
C PRO F 2 -9.16 18.36 -7.60
N GLY F 3 -9.21 18.82 -6.35
CA GLY F 3 -8.20 18.50 -5.33
C GLY F 3 -8.17 19.46 -4.16
N ALA F 4 -7.66 19.01 -2.99
CA ALA F 4 -7.58 19.83 -1.77
C ALA F 4 -6.16 20.04 -1.33
N SER F 5 -5.68 21.30 -1.33
CA SER F 5 -4.31 21.65 -0.91
C SER F 5 -4.33 22.57 0.29
N LEU F 6 -3.78 22.09 1.40
CA LEU F 6 -3.79 22.80 2.67
C LEU F 6 -2.42 23.24 3.15
N ASP F 7 -2.44 24.23 4.04
CA ASP F 7 -1.29 24.80 4.74
C ASP F 7 -1.69 25.24 6.12
N GLY F 8 -0.95 24.74 7.10
CA GLY F 8 -1.15 25.02 8.51
C GLY F 8 0.17 25.24 9.22
N ARG F 9 0.18 25.07 10.53
CA ARG F 9 1.39 25.22 11.34
C ARG F 9 1.34 24.24 12.52
N PRO F 10 2.46 23.93 13.23
CA PRO F 10 2.35 23.00 14.37
C PRO F 10 1.42 23.55 15.46
N GLY F 11 0.75 22.65 16.19
CA GLY F 11 -0.20 22.99 17.24
C GLY F 11 -1.60 23.30 16.74
N ASP F 12 -1.78 23.34 15.39
CA ASP F 12 -3.06 23.60 14.73
C ASP F 12 -3.72 22.27 14.56
N ARG F 13 -4.95 22.25 14.04
CA ARG F 13 -5.72 21.04 13.79
C ARG F 13 -6.67 21.27 12.63
N VAL F 14 -6.61 20.39 11.62
CA VAL F 14 -7.42 20.51 10.41
C VAL F 14 -8.14 19.24 10.06
N ASP F 15 -9.35 19.37 9.50
CA ASP F 15 -10.22 18.25 9.12
C ASP F 15 -9.90 17.75 7.73
N LEU F 16 -9.83 16.42 7.58
CA LEU F 16 -9.57 15.71 6.32
C LEU F 16 -10.72 14.75 6.06
N SER F 17 -11.13 14.59 4.79
CA SER F 17 -12.23 13.70 4.46
C SER F 17 -12.08 12.99 3.10
N CYS F 18 -13.16 12.32 2.65
CA CYS F 18 -13.27 11.65 1.36
C CYS F 18 -14.73 11.52 0.86
N GLY F 19 -15.05 12.22 -0.23
CA GLY F 19 -16.35 12.15 -0.88
C GLY F 19 -16.58 10.80 -1.56
N GLY F 20 -15.49 10.24 -2.10
CA GLY F 20 -15.49 8.94 -2.75
C GLY F 20 -15.30 7.84 -1.73
N VAL F 21 -16.43 7.32 -1.22
CA VAL F 21 -16.49 6.25 -0.24
C VAL F 21 -16.45 4.90 -0.94
N ARG F 26 -14.89 -0.21 4.99
CA ARG F 26 -14.21 -0.87 3.86
C ARG F 26 -13.03 0.01 3.26
N TRP F 27 -12.82 1.24 3.77
CA TRP F 27 -11.79 2.09 3.19
C TRP F 27 -10.42 1.95 3.94
N VAL F 28 -9.49 2.98 3.84
CA VAL F 28 -8.13 3.02 4.44
C VAL F 28 -7.40 4.36 4.18
N TRP F 29 -7.01 5.14 5.21
CA TRP F 29 -6.23 6.39 4.99
C TRP F 29 -4.77 6.00 4.84
N ALA F 30 -4.05 6.53 3.82
CA ALA F 30 -2.64 6.17 3.56
C ALA F 30 -1.74 7.31 2.98
N PRO F 31 -1.01 8.10 3.83
CA PRO F 31 -0.16 9.18 3.31
C PRO F 31 1.35 8.91 3.16
N SER F 32 1.99 9.78 2.37
CA SER F 32 3.43 9.82 2.08
C SER F 32 3.93 11.20 2.44
N PHE F 33 5.03 11.25 3.17
CA PHE F 33 5.54 12.55 3.59
C PHE F 33 6.92 12.85 3.02
N PRO F 34 7.26 14.14 2.67
CA PRO F 34 8.62 14.47 2.12
C PRO F 34 9.82 13.86 2.87
N ALA F 35 10.44 12.86 2.19
CA ALA F 35 11.53 11.99 2.62
C ALA F 35 12.66 12.65 3.41
N CYS F 36 13.10 13.87 3.04
CA CYS F 36 14.18 14.55 3.76
C CYS F 36 13.85 14.73 5.26
N LYS F 37 14.71 14.15 6.14
CA LYS F 37 14.55 14.11 7.61
C LYS F 37 13.33 13.25 8.05
N GLY F 38 13.03 12.22 7.24
CA GLY F 38 11.92 11.28 7.43
C GLY F 38 12.35 9.83 7.23
N LEU F 39 12.07 8.98 8.24
CA LEU F 39 12.45 7.56 8.30
C LEU F 39 11.95 6.77 7.11
N SER F 40 10.67 6.94 6.76
CA SER F 40 10.13 6.20 5.61
C SER F 40 10.14 7.08 4.35
N LYS F 41 10.29 6.42 3.17
CA LYS F 41 10.48 7.09 1.88
C LYS F 41 9.32 6.93 0.86
N GLY F 42 8.10 6.73 1.35
CA GLY F 42 6.94 6.61 0.46
C GLY F 42 5.61 6.52 1.15
N ARG F 43 4.56 6.22 0.36
CA ARG F 43 3.18 6.05 0.82
C ARG F 43 3.14 5.03 1.96
N ARG F 44 2.53 5.38 3.09
CA ARG F 44 2.45 4.45 4.21
C ARG F 44 1.07 4.46 4.86
N PRO F 45 0.47 3.28 5.09
CA PRO F 45 -0.87 3.26 5.70
C PRO F 45 -0.82 3.62 7.19
N ILE F 46 -1.89 4.23 7.72
CA ILE F 46 -1.97 4.55 9.14
C ILE F 46 -3.31 4.04 9.71
N LEU F 47 -4.43 4.35 9.04
CA LEU F 47 -5.74 3.90 9.48
C LEU F 47 -6.42 3.00 8.49
N TRP F 48 -7.18 2.04 8.99
CA TRP F 48 -8.07 1.21 8.20
C TRP F 48 -9.42 1.32 8.88
N ALA F 49 -10.51 1.26 8.09
CA ALA F 49 -11.89 1.32 8.57
C ALA F 49 -12.10 0.40 9.77
N ALA F 50 -12.69 0.95 10.84
CA ALA F 50 -12.94 0.26 12.10
C ALA F 50 -14.11 -0.75 12.05
N ALA F 51 -13.83 -2.03 12.40
CA ALA F 51 -14.85 -3.10 12.43
C ALA F 51 -15.68 -3.08 13.73
N ALA F 52 -16.72 -3.94 13.82
CA ALA F 52 -17.63 -4.04 14.97
C ALA F 52 -17.02 -4.70 16.24
N GLY F 53 -15.88 -4.17 16.70
CA GLY F 53 -15.17 -4.66 17.87
C GLY F 53 -14.59 -3.56 18.73
N ALA F 54 -13.30 -3.66 19.07
CA ALA F 54 -12.60 -2.67 19.90
C ALA F 54 -11.48 -2.01 19.10
N PRO F 55 -11.77 -1.21 18.03
CA PRO F 55 -10.67 -0.67 17.23
C PRO F 55 -10.35 0.81 17.38
N THR F 56 -9.04 1.13 17.35
CA THR F 56 -8.39 2.46 17.41
C THR F 56 -6.84 2.26 17.11
N VAL F 57 -6.08 3.39 16.96
CA VAL F 57 -4.61 3.59 16.86
C VAL F 57 -4.05 3.75 15.41
N PRO F 58 -3.49 4.95 15.12
CA PRO F 58 -2.81 5.19 13.84
C PRO F 58 -1.27 5.08 14.00
N PRO F 59 -0.53 4.24 13.25
CA PRO F 59 0.90 4.04 13.56
C PRO F 59 1.92 5.23 13.69
N LEU F 60 2.17 6.08 12.67
CA LEU F 60 3.24 7.11 12.72
C LEU F 60 2.83 8.51 13.32
N GLN F 61 1.56 8.62 13.86
CA GLN F 61 0.98 9.86 14.39
C GLN F 61 -0.30 9.62 15.32
N PRO F 62 -0.07 9.27 16.61
CA PRO F 62 -1.20 8.97 17.53
C PRO F 62 -1.82 10.28 18.08
N PHE F 63 -2.47 11.06 17.14
CA PHE F 63 -3.18 12.35 17.34
C PHE F 63 -4.13 12.64 16.08
N VAL F 64 -5.07 11.70 15.79
CA VAL F 64 -6.08 11.76 14.70
C VAL F 64 -7.35 11.17 15.29
N GLY F 65 -8.39 12.01 15.42
CA GLY F 65 -9.69 11.66 15.99
C GLY F 65 -10.80 11.72 14.95
N ARG F 66 -11.85 10.89 15.10
CA ARG F 66 -12.99 10.84 14.18
C ARG F 66 -14.23 11.49 14.78
N ILE F 74 -16.48 6.22 10.89
CA ILE F 74 -16.40 7.25 9.86
C ILE F 74 -14.92 7.67 9.63
N ARG F 75 -14.52 7.84 8.35
CA ARG F 75 -13.16 8.27 8.04
C ARG F 75 -13.34 9.55 7.32
N ARG F 76 -13.62 10.55 8.14
CA ARG F 76 -13.81 11.97 7.96
C ARG F 76 -13.26 12.41 9.32
N LEU F 77 -11.92 12.59 9.40
CA LEU F 77 -11.16 12.80 10.64
C LEU F 77 -10.38 14.14 10.82
N GLU F 78 -10.19 14.55 12.09
CA GLU F 78 -9.44 15.75 12.48
C GLU F 78 -7.96 15.40 12.76
N LEU F 79 -7.03 16.27 12.30
CA LEU F 79 -5.60 16.06 12.54
C LEU F 79 -4.92 17.25 13.12
N LEU F 80 -4.36 17.04 14.32
CA LEU F 80 -3.54 17.97 15.08
C LEU F 80 -2.14 17.95 14.46
N LEU F 81 -1.66 19.09 14.01
CA LEU F 81 -0.36 19.14 13.34
C LEU F 81 0.83 19.40 14.22
N SER F 82 1.97 18.84 13.83
CA SER F 82 3.28 19.03 14.43
C SER F 82 4.39 18.61 13.45
N ALA F 83 5.66 18.71 13.89
CA ALA F 83 6.86 18.40 13.13
C ALA F 83 6.75 17.23 12.18
N GLY F 84 6.98 17.51 10.90
CA GLY F 84 6.99 16.52 9.83
C GLY F 84 5.67 16.13 9.20
N ASP F 85 4.52 16.58 9.76
CA ASP F 85 3.17 16.25 9.28
C ASP F 85 2.84 16.75 7.85
N SER F 86 3.77 17.49 7.20
CA SER F 86 3.67 17.99 5.83
C SER F 86 3.83 16.80 4.87
N GLY F 87 2.84 16.65 3.99
CA GLY F 87 2.72 15.58 2.99
C GLY F 87 1.28 15.44 2.53
N THR F 88 1.04 14.58 1.52
CA THR F 88 -0.29 14.34 0.95
C THR F 88 -0.97 13.18 1.66
N PHE F 89 -2.24 13.36 2.06
CA PHE F 89 -3.07 12.36 2.76
C PHE F 89 -4.12 11.76 1.84
N PHE F 90 -4.04 10.44 1.63
CA PHE F 90 -4.94 9.74 0.72
C PHE F 90 -5.98 8.95 1.49
N CYS F 91 -7.24 9.02 1.06
CA CYS F 91 -8.30 8.20 1.64
C CYS F 91 -8.63 7.22 0.53
N LYS F 92 -8.65 5.93 0.83
CA LYS F 92 -8.79 4.96 -0.25
C LYS F 92 -10.09 4.15 -0.25
N GLY F 93 -10.69 3.95 -1.41
CA GLY F 93 -11.88 3.12 -1.49
C GLY F 93 -11.53 1.65 -1.68
N ARG F 94 -12.55 0.80 -1.97
CA ARG F 94 -12.32 -0.64 -2.19
C ARG F 94 -11.45 -0.90 -3.43
N HIS F 95 -11.71 -0.23 -4.58
CA HIS F 95 -10.90 -0.43 -5.80
C HIS F 95 -10.56 0.86 -6.61
N GLU F 96 -9.25 1.13 -6.72
CA GLU F 96 -8.55 2.19 -7.44
C GLU F 96 -8.72 3.62 -6.81
N ASP F 97 -10.02 4.09 -6.69
CA ASP F 97 -10.50 5.36 -6.11
C ASP F 97 -9.72 5.80 -4.88
N GLU F 98 -9.32 7.09 -4.84
CA GLU F 98 -8.55 7.68 -3.75
C GLU F 98 -8.85 9.14 -3.69
N SER F 99 -9.08 9.67 -2.47
CA SER F 99 -9.31 11.09 -2.25
C SER F 99 -8.09 11.67 -1.51
N ARG F 100 -7.31 12.52 -2.22
CA ARG F 100 -6.09 13.09 -1.67
C ARG F 100 -6.23 14.59 -1.27
N THR F 101 -5.73 14.84 -0.04
CA THR F 101 -5.65 16.14 0.63
C THR F 101 -4.17 16.42 0.89
N VAL F 102 -3.58 17.35 0.13
CA VAL F 102 -2.19 17.78 0.26
C VAL F 102 -2.09 18.66 1.52
N LEU F 103 -0.96 18.58 2.23
CA LEU F 103 -0.76 19.33 3.47
C LEU F 103 0.65 19.92 3.66
N HIS F 104 0.73 21.19 4.16
CA HIS F 104 2.00 21.85 4.42
C HIS F 104 2.05 22.51 5.80
N VAL F 105 2.95 22.04 6.68
CA VAL F 105 3.13 22.59 8.02
C VAL F 105 4.26 23.62 7.97
N LEU F 106 3.98 24.81 8.54
CA LEU F 106 4.88 25.95 8.57
C LEU F 106 6.24 25.57 9.15
N GLY F 107 7.28 26.07 8.49
CA GLY F 107 8.68 25.84 8.85
C GLY F 107 9.12 24.40 8.87
N ASP F 108 8.97 23.69 7.73
CA ASP F 108 9.35 22.28 7.64
C ASP F 108 10.73 22.07 6.98
N ARG F 109 11.75 21.91 7.84
CA ARG F 109 13.17 21.69 7.48
C ARG F 109 13.94 21.16 8.71
N THR F 110 15.29 21.38 8.73
CA THR F 110 16.20 20.93 9.79
C THR F 110 16.35 22.02 10.85
O5 A2G G . 7.96 1.34 20.87
C1 A2G G . 6.66 0.92 21.26
C2 A2G G . 6.72 -0.15 22.37
N2 A2G G . 5.48 0.03 23.12
C3 A2G G . 7.90 -0.24 23.34
O3 A2G G . 8.30 -1.57 23.67
C4 A2G G . 9.11 0.57 22.87
O4 A2G G . 9.98 -0.23 22.09
C5 A2G G . 8.66 1.77 22.04
C6 A2G G . 9.76 2.68 21.62
O6 A2G G . 9.23 3.97 21.65
C7 A2G G . 4.76 -0.97 23.67
O7 A2G G . 5.03 -2.15 23.50
C8 A2G G . 3.60 -0.54 24.53
C1 GAL G . 8.54 -1.89 25.07
C2 GAL G . 8.33 -3.39 25.36
C3 GAL G . 8.45 -3.65 26.86
C4 GAL G . 9.79 -3.15 27.37
C5 GAL G . 10.03 -1.69 26.96
C6 GAL G . 11.42 -1.20 27.30
O2 GAL G . 7.07 -3.88 24.86
O3 GAL G . 8.39 -5.03 27.17
O4 GAL G . 10.82 -4.04 26.93
O5 GAL G . 9.84 -1.49 25.54
O6 GAL G . 11.67 -1.28 28.69
C1 SIA G . 11.61 4.63 21.93
C2 SIA G . 10.13 5.04 21.79
C3 SIA G . 9.51 5.73 23.00
C4 SIA G . 9.45 7.25 22.92
C5 SIA G . 9.22 7.68 21.47
C6 SIA G . 10.46 7.19 20.71
C7 SIA G . 10.99 7.51 19.31
C8 SIA G . 10.69 8.87 18.66
C9 SIA G . 11.69 9.23 17.56
C10 SIA G . 7.85 9.65 20.92
C11 SIA G . 7.22 10.70 21.78
N5 SIA G . 9.00 9.11 21.39
O1A SIA G . 12.22 4.68 22.99
O1B SIA G . 12.17 4.27 20.79
O4 SIA G . 8.41 7.76 23.76
O6 SIA G . 10.02 5.82 20.62
O7 SIA G . 12.38 7.21 19.30
O8 SIA G . 9.40 8.76 18.06
O9 SIA G . 12.99 9.47 18.07
O10 SIA G . 7.33 9.24 19.89
C1 SGN H . -10.70 -13.63 -0.06
C2 SGN H . -10.58 -12.66 -1.25
C3 SGN H . -9.19 -12.80 -1.88
C4 SGN H . -8.10 -12.63 -0.83
C5 SGN H . -8.30 -13.61 0.32
C6 SGN H . -7.34 -13.39 1.46
N2 SGN H . -11.63 -12.84 -2.26
O1 SGN H . -10.86 -14.96 -0.49
O3 SGN H . -9.03 -11.82 -2.91
O4 SGN H . -6.85 -12.01 -1.34
O5 SGN H . -9.63 -13.48 0.87
O6 SGN H . -6.88 -14.70 1.93
S1 SGN H . -13.13 -12.29 -2.18
O1S SGN H . -13.90 -13.17 -1.37
O2S SGN H . -13.07 -10.89 -1.98
O3S SGN H . -13.72 -12.41 -3.63
S2 SGN H . -5.43 -15.33 1.87
O4S SGN H . -4.47 -14.24 1.66
O5S SGN H . -5.35 -16.31 2.95
O6S SGN H . -5.54 -16.19 0.64
C1 IDS H . -5.67 -11.29 -1.05
C2 IDS H . -4.73 -11.22 -2.24
C3 IDS H . -3.86 -9.98 -2.17
C4 IDS H . -4.72 -8.72 -2.18
C5 IDS H . -6.06 -8.96 -1.45
C6 IDS H . -6.52 -7.72 -0.68
O2 IDS H . -3.84 -12.37 -2.15
O3 IDS H . -2.96 -9.97 -3.28
O4 IDS H . -4.42 -7.72 -3.12
O5 IDS H . -5.96 -10.02 -0.48
O6A IDS H . -6.02 -7.38 0.38
O6B IDS H . -7.48 -7.08 -1.28
S IDS H . -4.21 -13.87 -2.48
O1S IDS H . -4.57 -14.54 -1.26
O2S IDS H . -2.81 -14.33 -2.81
O3S IDS H . -4.99 -13.86 -3.73
C1 SGN H . -4.13 -6.48 -3.68
C2 SGN H . -2.64 -6.17 -3.50
C3 SGN H . -2.28 -5.52 -2.18
C4 SGN H . -3.30 -4.44 -1.80
C5 SGN H . -4.70 -5.04 -1.83
C6 SGN H . -5.80 -4.10 -1.39
N2 SGN H . -1.83 -7.38 -3.70
O3 SGN H . -0.98 -4.96 -2.27
O4 SGN H . -3.10 -3.22 -1.11
O5 SGN H . -5.01 -5.48 -3.16
O6 SGN H . -5.82 -2.99 -2.32
S1 SGN H . -1.00 -7.76 -5.03
O1S SGN H . -0.07 -6.73 -5.29
O2S SGN H . -0.65 -9.13 -4.94
O3S SGN H . -2.06 -7.71 -6.19
S2 SGN H . -7.08 -2.34 -2.93
O4S SGN H . -8.13 -2.47 -1.92
O5S SGN H . -6.68 -1.08 -3.59
O6S SGN H . -7.33 -3.30 -4.09
C1 IDS H . -2.23 -2.31 -0.57
C2 IDS H . -2.34 -2.33 0.96
C3 IDS H . -1.27 -1.50 1.66
C4 IDS H . 0.01 -1.44 0.83
C5 IDS H . 0.08 -2.67 -0.08
C6 IDS H . 1.46 -2.88 -0.73
O2 IDS H . -3.66 -1.81 1.30
O3 IDS H . -0.97 -2.09 2.93
O4 IDS H . -0.11 -0.08 0.23
O5 IDS H . -0.92 -2.56 -1.10
O6A IDS H . 2.47 -3.05 -0.04
O6B IDS H . 1.45 -2.90 -2.04
S IDS H . -4.82 -2.58 2.04
O1S IDS H . -6.00 -1.71 2.09
O2S IDS H . -4.23 -2.58 3.43
O3S IDS H . -4.76 -3.98 1.61
C1 SGN H . 0.45 1.18 0.49
C2 SGN H . 0.71 1.99 -0.78
C3 SGN H . 1.97 1.55 -1.52
C4 SGN H . 3.15 1.44 -0.55
C5 SGN H . 2.78 0.54 0.62
C6 SGN H . 3.85 0.41 1.67
N2 SGN H . -0.45 1.97 -1.69
O3 SGN H . 2.26 2.49 -2.55
O4 SGN H . 4.28 1.76 -1.30
O5 SGN H . 1.62 1.07 1.29
O6 SGN H . 3.19 0.04 2.93
S1 SGN H . -1.80 2.76 -1.39
O1S SGN H . -2.66 1.93 -0.63
O2S SGN H . -1.48 4.10 -1.04
O3S SGN H . -2.52 2.98 -2.76
S2 SGN H . 3.21 -1.27 3.78
O4S SGN H . 4.42 -1.19 4.66
O5S SGN H . 1.85 -1.48 4.24
O6S SGN H . 3.35 -2.37 2.72
C1 IDS H . 5.51 2.37 -1.18
C2 IDS H . 6.66 1.40 -1.40
C3 IDS H . 7.98 2.15 -1.32
C4 IDS H . 8.02 3.23 -2.40
C5 IDS H . 6.63 3.48 -2.99
C6 IDS H . 6.59 4.83 -3.71
O2 IDS H . 6.60 0.39 -0.35
O3 IDS H . 9.07 1.26 -1.48
O4 IDS H . 9.17 3.38 -3.23
O5 IDS H . 5.60 3.55 -1.99
O6A IDS H . 6.44 5.88 -3.12
O6B IDS H . 6.80 4.73 -5.00
S IDS H . 6.42 -1.16 -0.53
O1S IDS H . 6.31 -1.73 0.82
O2S IDS H . 7.81 -1.51 -1.05
O3S IDS H . 5.44 -1.41 -1.66
C1 SGN H . 10.16 4.09 -3.90
C2 SGN H . 11.30 4.43 -2.94
C3 SGN H . 11.60 5.93 -3.00
C4 SGN H . 11.73 6.38 -4.46
C5 SGN H . 10.40 6.20 -5.20
C6 SGN H . 10.57 5.87 -6.66
N2 SGN H . 11.10 4.00 -1.54
O3 SGN H . 12.80 6.21 -2.29
O4 SGN H . 12.22 7.78 -4.54
O5 SGN H . 9.55 5.21 -4.57
O6 SGN H . 9.98 6.97 -7.45
S1 SGN H . 12.02 2.97 -0.75
O1S SGN H . 11.08 2.03 0.08
O2S SGN H . 12.72 3.67 0.25
O3S SGN H . 12.67 2.14 -1.69
S2 SGN H . 10.66 8.22 -8.18
O4S SGN H . 10.20 9.44 -7.51
O5S SGN H . 12.06 7.87 -8.47
O6S SGN H . 10.00 8.13 -9.54
C1 IDS H . 12.00 9.18 -4.59
C2 IDS H . 10.97 9.57 -3.52
C3 IDS H . 11.53 10.64 -2.59
C4 IDS H . 12.93 10.26 -2.11
C5 IDS H . 13.88 10.01 -3.32
C6 IDS H . 14.91 11.14 -3.44
O2 IDS H . 9.81 10.11 -4.23
O3 IDS H . 10.66 10.79 -1.47
O5 IDS H . 13.20 9.95 -4.59
O6A IDS H . 15.97 11.09 -2.87
O6B IDS H . 14.53 12.15 -4.19
S IDS H . 8.28 9.93 -3.86
O1S IDS H . 8.08 10.11 -2.41
O2S IDS H . 7.56 10.63 -4.93
O3S IDS H . 8.18 8.45 -4.12
O5 A2G I . -10.93 4.95 19.96
C1 A2G I . -10.47 5.02 18.61
C2 A2G I . -11.55 5.15 17.53
N2 A2G I . -10.93 5.97 16.51
C3 A2G I . -12.91 5.74 17.93
O3 A2G I . -13.94 5.21 17.10
C4 A2G I . -13.22 5.49 19.41
O4 A2G I . -13.61 4.13 19.62
C5 A2G I . -12.01 5.83 20.27
C6 A2G I . -12.26 5.72 21.76
O6 A2G I . -11.20 6.36 22.46
C7 A2G I . -10.87 5.63 15.21
O7 A2G I . -11.20 4.53 14.80
C8 A2G I . -10.37 6.72 14.29
C1 GAL I . -14.72 6.09 16.27
C2 GAL I . -15.45 5.24 15.21
C3 GAL I . -16.39 6.09 14.37
C4 GAL I . -17.31 6.96 15.22
C5 GAL I . -16.50 7.73 16.26
C6 GAL I . -17.34 8.53 17.23
O2 GAL I . -14.49 4.60 14.38
O3 GAL I . -17.18 5.25 13.54
O4 GAL I . -18.33 6.18 15.81
O5 GAL I . -15.69 6.83 17.04
O6 GAL I . -18.01 9.60 16.59
C1 SIA I . -12.66 6.62 24.36
C2 SIA I . -11.24 6.32 23.87
C3 SIA I . -10.21 7.40 24.20
C4 SIA I . -9.79 7.40 25.67
C5 SIA I . -9.29 6.01 26.02
C6 SIA I . -10.38 4.97 25.72
C7 SIA I . -9.94 3.53 26.01
C8 SIA I . -10.94 2.77 26.86
C9 SIA I . -10.67 1.27 26.96
C10 SIA I . -9.52 6.07 28.53
C11 SIA I . -8.75 5.97 29.81
N5 SIA I . -8.78 5.93 27.39
O1A SIA I . -13.04 7.87 24.21
O1B SIA I . -13.40 5.77 24.84
O4 SIA I . -8.77 8.37 25.88
O6 SIA I . -10.82 5.05 24.35
O7 SIA I . -9.68 2.84 24.79
O8 SIA I . -10.97 3.30 28.19
O9 SIA I . -11.86 0.57 27.29
O10 SIA I . -10.74 6.25 28.51
#